data_1CHM
#
_entry.id   1CHM
#
_cell.length_a   60.830
_cell.length_b   110.550
_cell.length_c   62.630
_cell.angle_alpha   90.00
_cell.angle_beta   102.22
_cell.angle_gamma   90.00
#
_symmetry.space_group_name_H-M   'P 1 21 1'
#
loop_
_entity.id
_entity.type
_entity.pdbx_description
1 polymer 'CREATINE AMIDINOHYDROLASE'
2 non-polymer 'CARBAMOYL SARCOSINE'
3 water water
#
_entity_poly.entity_id   1
_entity_poly.type   'polypeptide(L)'
_entity_poly.pdbx_seq_one_letter_code
;QMPKTLRIRNGDKVRSTFSAQEYANRQARLRAHLAAENIDAAIFTSYHNINYYSDFLYCSFGRPYALVVTEDDVISISAN
IDGGQPWRRTVGTDNIVYTDWQRDNYFAAIQQALPKARRIGIEHDHLNLQNRDKLAARYPDAELVDVAAACMRMRMIKSA
EEHVMIRHGARIADIGGAAVVEALGDQVPEYEVALHATQAMVRAIADTFEDVELMDTWTWFQSGINTDGAHNPVTTRKVN
KGDILSLNCFPMIAGYYTALERTLFLDHCSDDHLRLWQVNVEVHEAGLKLIKPGARCSDIARELNEIFLKHDVLQYRTFG
YGHSFGTLSHYYGREAGLELREDIDTVLEPGMVVSMEPMIMLPEGLPGAGGYREHDILIVNENGAENITKFPYGPEKNII
R
;
_entity_poly.pdbx_strand_id   A,B
#
# COMPACT_ATOMS: atom_id res chain seq x y z
N GLN A 1 11.57 28.22 4.30
CA GLN A 1 12.19 29.17 3.39
C GLN A 1 11.14 29.88 2.55
N MET A 2 9.98 29.26 2.38
CA MET A 2 8.83 30.06 2.03
C MET A 2 7.94 29.73 3.17
N PRO A 3 6.62 29.67 3.30
CA PRO A 3 6.09 29.22 4.63
C PRO A 3 6.27 27.75 5.00
N LYS A 4 5.98 27.46 6.28
CA LYS A 4 6.17 26.10 6.78
C LYS A 4 4.89 25.28 6.89
N THR A 5 3.91 26.06 7.24
CA THR A 5 2.52 25.61 7.34
C THR A 5 1.52 26.64 6.79
N LEU A 6 0.41 26.13 6.26
CA LEU A 6 -0.66 27.07 5.69
C LEU A 6 -2.05 26.33 5.87
N ARG A 7 -3.09 27.01 5.49
CA ARG A 7 -4.31 26.23 5.33
C ARG A 7 -4.81 26.38 3.93
N ILE A 8 -5.37 25.33 3.36
CA ILE A 8 -6.00 25.44 2.07
C ILE A 8 -7.43 24.90 2.29
N ARG A 9 -8.37 25.81 2.18
CA ARG A 9 -9.74 25.46 2.26
C ARG A 9 -10.23 25.51 0.85
N ASN A 10 -9.84 24.61 0.03
CA ASN A 10 -10.18 24.72 -1.33
C ASN A 10 -11.39 23.86 -1.57
N GLY A 11 -12.49 24.47 -2.15
CA GLY A 11 -13.74 23.80 -2.46
C GLY A 11 -14.58 23.52 -1.19
N ASP A 12 -15.51 22.59 -1.30
CA ASP A 12 -16.51 22.14 -0.33
C ASP A 12 -16.10 20.81 0.29
N LYS A 13 -16.48 20.74 1.53
CA LYS A 13 -16.51 19.53 2.29
C LYS A 13 -17.38 18.43 1.74
N VAL A 14 -16.77 17.25 1.55
CA VAL A 14 -17.47 16.20 0.86
C VAL A 14 -18.57 15.64 1.77
N ARG A 15 -19.45 14.81 1.23
CA ARG A 15 -20.38 14.03 2.05
C ARG A 15 -19.77 12.79 2.70
N SER A 16 -19.58 12.85 3.91
CA SER A 16 -18.84 11.67 4.47
C SER A 16 -19.48 10.24 4.48
N THR A 17 -18.49 9.37 4.64
CA THR A 17 -18.84 7.94 4.59
C THR A 17 -19.99 7.48 5.50
N PHE A 18 -19.75 7.90 6.73
CA PHE A 18 -20.70 7.68 7.84
C PHE A 18 -21.50 8.94 8.17
N SER A 19 -22.37 8.81 9.16
CA SER A 19 -23.16 9.94 9.66
C SER A 19 -22.31 10.76 10.56
N ALA A 20 -22.67 12.12 10.58
CA ALA A 20 -21.94 12.91 11.55
C ALA A 20 -22.03 12.26 12.91
N GLN A 21 -23.17 11.67 13.22
CA GLN A 21 -23.34 11.09 14.60
C GLN A 21 -22.39 9.89 14.74
N GLU A 22 -22.23 9.14 13.72
CA GLU A 22 -21.22 7.98 13.81
C GLU A 22 -19.83 8.53 14.19
N TYR A 23 -19.34 9.72 13.60
CA TYR A 23 -18.01 10.32 13.82
C TYR A 23 -18.02 10.93 15.19
N ALA A 24 -19.16 11.61 15.64
CA ALA A 24 -19.24 12.19 16.99
C ALA A 24 -19.06 10.99 18.01
N ASN A 25 -19.61 9.75 17.71
CA ASN A 25 -19.74 8.63 18.71
C ASN A 25 -18.27 8.13 18.86
N ARG A 26 -17.60 7.98 17.76
CA ARG A 26 -16.18 7.47 17.74
C ARG A 26 -15.35 8.47 18.49
N GLN A 27 -15.35 9.79 18.08
CA GLN A 27 -14.49 10.75 18.77
C GLN A 27 -14.93 10.95 20.24
N ALA A 28 -16.20 10.66 20.62
CA ALA A 28 -16.56 10.80 22.05
C ALA A 28 -16.00 9.64 22.88
N ARG A 29 -15.90 8.49 22.28
CA ARG A 29 -15.36 7.37 23.07
C ARG A 29 -13.84 7.43 23.16
N LEU A 30 -13.25 8.02 22.08
CA LEU A 30 -11.77 8.18 22.13
C LEU A 30 -11.56 9.16 23.28
N ARG A 31 -12.40 10.31 23.32
CA ARG A 31 -11.99 11.32 24.30
C ARG A 31 -12.23 10.80 25.68
N ALA A 32 -13.15 9.84 25.84
CA ALA A 32 -13.45 9.37 27.19
C ALA A 32 -12.32 8.49 27.64
N HIS A 33 -11.86 7.73 26.65
CA HIS A 33 -10.53 7.02 26.95
C HIS A 33 -9.36 7.98 27.31
N LEU A 34 -9.18 9.15 26.61
CA LEU A 34 -7.93 9.89 26.85
C LEU A 34 -8.09 10.54 28.21
N ALA A 35 -9.32 11.01 28.50
CA ALA A 35 -9.43 11.71 29.81
C ALA A 35 -9.27 10.78 31.03
N ALA A 36 -9.77 9.57 30.88
CA ALA A 36 -9.58 8.53 31.88
C ALA A 36 -8.12 8.08 31.98
N GLU A 37 -7.30 8.35 30.96
CA GLU A 37 -5.89 8.04 31.04
C GLU A 37 -5.00 9.24 31.36
N ASN A 38 -5.75 10.41 31.49
CA ASN A 38 -5.16 11.76 31.51
C ASN A 38 -4.18 12.03 30.40
N ILE A 39 -4.48 11.59 29.26
CA ILE A 39 -3.65 11.89 28.06
C ILE A 39 -4.25 13.12 27.33
N ASP A 40 -3.36 14.17 27.20
CA ASP A 40 -3.73 15.55 26.74
C ASP A 40 -4.19 15.45 25.28
N ALA A 41 -3.55 14.67 24.44
CA ALA A 41 -3.90 14.61 22.98
C ALA A 41 -3.49 13.20 22.57
N ALA A 42 -4.15 12.73 21.54
CA ALA A 42 -3.61 11.60 20.79
C ALA A 42 -3.00 12.15 19.53
N ILE A 43 -1.89 11.64 19.08
CA ILE A 43 -1.46 11.91 17.72
C ILE A 43 -1.55 10.63 16.90
N PHE A 44 -2.51 10.50 16.02
CA PHE A 44 -2.46 9.31 15.08
C PHE A 44 -1.64 9.56 13.79
N THR A 45 -0.86 8.58 13.40
CA THR A 45 -0.07 8.68 12.17
C THR A 45 -0.48 7.53 11.28
N SER A 46 -1.29 6.57 11.78
CA SER A 46 -1.61 5.41 10.94
C SER A 46 -2.70 5.69 9.91
N TYR A 47 -2.67 4.97 8.69
CA TYR A 47 -3.75 5.11 7.72
C TYR A 47 -5.08 4.91 8.43
N HIS A 48 -5.15 3.80 9.09
CA HIS A 48 -6.36 3.24 9.67
C HIS A 48 -7.04 4.09 10.77
N ASN A 49 -6.32 4.57 11.70
CA ASN A 49 -6.73 5.37 12.84
C ASN A 49 -7.04 6.79 12.35
N ILE A 50 -6.27 7.31 11.38
CA ILE A 50 -6.76 8.62 10.84
C ILE A 50 -8.08 8.48 10.09
N ASN A 51 -8.21 7.43 9.30
CA ASN A 51 -9.43 7.11 8.47
C ASN A 51 -10.68 6.95 9.39
N TYR A 52 -10.43 6.16 10.42
CA TYR A 52 -11.42 5.78 11.46
C TYR A 52 -12.04 6.98 12.12
N TYR A 53 -11.17 7.82 12.46
CA TYR A 53 -11.65 8.95 13.15
C TYR A 53 -12.08 10.18 12.28
N SER A 54 -11.63 10.31 11.11
CA SER A 54 -11.81 11.61 10.38
C SER A 54 -12.20 11.34 8.95
N ASP A 55 -12.23 10.13 8.46
CA ASP A 55 -12.73 9.98 7.10
C ASP A 55 -11.79 10.49 6.07
N PHE A 56 -10.56 10.75 6.52
CA PHE A 56 -9.45 11.03 5.51
C PHE A 56 -8.39 9.89 5.41
N LEU A 57 -8.37 9.38 4.22
CA LEU A 57 -7.47 8.20 3.95
C LEU A 57 -6.18 8.58 3.11
N TYR A 58 -5.04 8.75 3.76
CA TYR A 58 -4.00 9.48 3.03
C TYR A 58 -3.06 8.54 2.21
N CYS A 59 -2.25 9.22 1.34
CA CYS A 59 -1.39 8.71 0.39
C CYS A 59 -0.01 9.15 0.85
N SER A 60 0.75 8.19 1.31
CA SER A 60 2.00 8.46 1.96
C SER A 60 3.04 9.03 0.91
N PHE A 61 3.50 8.21 -0.08
CA PHE A 61 4.60 8.67 -1.02
C PHE A 61 5.78 9.22 -0.22
N GLY A 62 5.99 8.58 0.96
CA GLY A 62 7.12 8.87 1.81
C GLY A 62 6.98 10.21 2.56
N ARG A 63 5.76 10.89 2.70
CA ARG A 63 5.41 12.00 3.62
C ARG A 63 4.53 11.56 4.78
N PRO A 64 4.81 12.14 5.95
CA PRO A 64 4.13 11.84 7.14
C PRO A 64 2.78 12.56 7.22
N TYR A 65 1.89 11.88 7.88
CA TYR A 65 0.59 12.53 8.16
C TYR A 65 0.30 12.27 9.61
N ALA A 66 -0.70 13.06 10.20
CA ALA A 66 -1.21 13.07 11.53
C ALA A 66 -2.69 13.39 11.59
N LEU A 67 -3.26 12.94 12.71
CA LEU A 67 -4.59 13.39 13.19
C LEU A 67 -4.32 13.76 14.60
N VAL A 68 -4.43 14.94 15.02
CA VAL A 68 -4.32 15.27 16.45
C VAL A 68 -5.67 15.44 17.17
N VAL A 69 -5.87 14.68 18.20
CA VAL A 69 -7.25 14.67 18.75
C VAL A 69 -7.12 15.14 20.18
N THR A 70 -7.80 16.28 20.52
CA THR A 70 -7.82 16.71 21.93
C THR A 70 -9.28 16.50 22.53
N GLU A 71 -9.47 16.95 23.73
CA GLU A 71 -10.87 17.01 24.14
C GLU A 71 -11.73 17.94 23.26
N ASP A 72 -11.08 19.00 22.64
CA ASP A 72 -11.87 20.03 21.83
C ASP A 72 -11.63 19.94 20.38
N ASP A 73 -10.45 19.59 20.01
CA ASP A 73 -10.07 19.47 18.58
C ASP A 73 -10.11 18.06 17.98
N VAL A 74 -10.24 18.05 16.67
CA VAL A 74 -9.79 17.04 15.73
C VAL A 74 -9.15 17.74 14.55
N ILE A 75 -7.85 17.69 14.48
CA ILE A 75 -7.09 18.35 13.41
C ILE A 75 -6.30 17.32 12.57
N SER A 76 -6.60 17.25 11.30
CA SER A 76 -5.62 16.58 10.45
C SER A 76 -4.42 17.47 9.97
N ILE A 77 -3.21 16.83 9.66
CA ILE A 77 -1.91 17.36 9.34
C ILE A 77 -1.54 16.68 8.01
N SER A 78 -1.74 17.34 6.86
CA SER A 78 -1.55 16.72 5.60
C SER A 78 -0.56 17.59 4.81
N ALA A 79 0.01 16.97 3.79
CA ALA A 79 1.10 17.69 3.09
C ALA A 79 0.61 18.69 2.01
N ASN A 80 1.50 19.73 1.70
CA ASN A 80 1.04 20.78 0.71
C ASN A 80 0.67 20.29 -0.70
N ILE A 81 1.27 19.18 -1.06
CA ILE A 81 0.97 18.43 -2.33
C ILE A 81 -0.45 17.93 -2.49
N ASP A 82 -1.18 17.83 -1.40
CA ASP A 82 -2.53 17.31 -1.55
C ASP A 82 -3.54 18.38 -1.68
N GLY A 83 -3.01 19.61 -1.64
CA GLY A 83 -3.85 20.81 -1.56
C GLY A 83 -5.09 20.70 -0.63
N GLY A 84 -6.26 20.90 -1.22
CA GLY A 84 -7.47 21.04 -0.45
C GLY A 84 -8.22 19.80 0.00
N GLN A 85 -7.77 18.64 -0.55
CA GLN A 85 -8.42 17.33 -0.49
C GLN A 85 -8.48 16.78 0.96
N PRO A 86 -7.46 16.89 1.73
CA PRO A 86 -7.60 16.48 3.07
C PRO A 86 -8.74 17.24 3.83
N TRP A 87 -8.76 18.51 3.69
CA TRP A 87 -9.68 19.32 4.48
C TRP A 87 -11.12 19.02 3.99
N ARG A 88 -11.29 18.84 2.65
CA ARG A 88 -12.60 18.47 2.26
C ARG A 88 -13.04 17.14 2.92
N ARG A 89 -12.10 16.22 3.39
CA ARG A 89 -12.56 14.92 3.92
C ARG A 89 -12.64 15.04 5.40
N THR A 90 -11.86 15.79 5.97
CA THR A 90 -11.73 15.73 7.42
C THR A 90 -13.02 16.10 8.16
N VAL A 91 -13.55 15.06 8.83
CA VAL A 91 -14.55 15.22 9.87
C VAL A 91 -13.90 15.67 11.17
N GLY A 92 -13.69 17.03 11.35
CA GLY A 92 -12.85 17.49 12.46
C GLY A 92 -12.98 19.00 12.60
N THR A 93 -12.16 19.64 13.30
CA THR A 93 -12.20 21.05 13.51
C THR A 93 -11.19 21.90 12.77
N ASP A 94 -10.21 21.25 12.22
CA ASP A 94 -9.09 21.92 11.54
C ASP A 94 -8.33 20.86 10.76
N ASN A 95 -7.73 21.46 9.74
CA ASN A 95 -6.65 20.89 8.94
C ASN A 95 -5.47 21.88 8.78
N ILE A 96 -4.23 21.41 9.11
CA ILE A 96 -3.16 22.22 8.89
C ILE A 96 -2.29 21.55 7.85
N VAL A 97 -1.72 22.33 6.79
CA VAL A 97 -0.81 21.89 5.68
C VAL A 97 0.64 22.22 5.84
N TYR A 98 1.50 21.19 5.75
CA TYR A 98 2.89 21.52 5.92
C TYR A 98 3.58 21.50 4.57
N THR A 99 4.63 22.29 4.40
CA THR A 99 5.24 22.38 3.11
C THR A 99 6.56 21.66 3.02
N ASP A 100 7.07 21.31 1.81
CA ASP A 100 8.41 20.60 1.49
C ASP A 100 9.69 21.48 1.66
N TRP A 101 9.53 22.73 1.98
CA TRP A 101 10.48 23.76 1.59
C TRP A 101 11.54 23.85 2.65
N GLN A 102 11.22 23.24 3.80
CA GLN A 102 12.29 22.96 4.67
C GLN A 102 12.03 21.64 5.37
N ARG A 103 13.01 20.98 5.87
CA ARG A 103 12.94 19.59 6.52
C ARG A 103 12.15 19.76 7.81
N ASP A 104 11.18 18.85 8.01
CA ASP A 104 10.45 18.50 9.22
C ASP A 104 9.60 19.68 9.53
N ASN A 105 9.02 20.20 8.48
CA ASN A 105 7.89 21.10 8.65
C ASN A 105 6.64 20.43 9.30
N TYR A 106 6.55 19.17 9.01
CA TYR A 106 5.49 18.28 9.55
C TYR A 106 5.44 18.45 11.05
N PHE A 107 6.57 18.66 11.66
CA PHE A 107 6.70 18.77 13.15
C PHE A 107 6.33 20.13 13.73
N ALA A 108 6.62 21.02 12.81
CA ALA A 108 6.22 22.43 12.96
C ALA A 108 4.69 22.61 12.91
N ALA A 109 4.02 21.93 12.05
CA ALA A 109 2.50 21.83 12.02
C ALA A 109 1.92 21.10 13.21
N ILE A 110 2.55 20.07 13.63
CA ILE A 110 1.99 19.41 14.94
C ILE A 110 2.10 20.33 16.21
N GLN A 111 3.30 20.96 16.36
CA GLN A 111 3.51 21.98 17.40
C GLN A 111 2.64 23.20 17.20
N GLN A 112 2.22 23.38 16.03
CA GLN A 112 1.15 24.31 15.83
C GLN A 112 -0.24 23.88 16.29
N ALA A 113 -0.60 22.62 16.07
CA ALA A 113 -1.94 22.07 16.40
C ALA A 113 -1.94 21.92 17.91
N LEU A 114 -0.77 21.68 18.47
CA LEU A 114 -0.73 21.20 19.86
C LEU A 114 0.53 21.77 20.43
N PRO A 115 0.24 22.92 20.95
CA PRO A 115 1.26 23.77 21.45
C PRO A 115 1.87 23.29 22.75
N LYS A 116 1.16 22.58 23.59
CA LYS A 116 1.81 22.12 24.83
C LYS A 116 1.06 20.83 25.22
N ALA A 117 1.72 19.77 25.78
CA ALA A 117 1.05 18.54 26.33
C ALA A 117 1.81 18.11 27.57
N ARG A 118 1.30 17.35 28.44
CA ARG A 118 2.25 16.60 29.22
C ARG A 118 2.32 15.09 28.82
N ARG A 119 1.17 14.48 28.38
CA ARG A 119 1.19 13.14 28.06
C ARG A 119 0.51 12.96 26.73
N ILE A 120 1.22 12.45 25.75
CA ILE A 120 0.67 12.36 24.38
C ILE A 120 0.69 10.88 23.90
N GLY A 121 -0.41 10.62 23.29
CA GLY A 121 -0.71 9.25 23.06
C GLY A 121 -0.52 8.95 21.59
N ILE A 122 0.27 7.96 21.41
CA ILE A 122 0.76 7.65 20.04
C ILE A 122 0.62 6.15 19.79
N GLU A 123 0.73 5.80 18.55
CA GLU A 123 0.61 4.42 18.10
C GLU A 123 1.90 3.61 18.01
N HIS A 124 2.09 2.75 18.98
CA HIS A 124 3.43 2.02 18.97
C HIS A 124 3.54 1.00 17.88
N ASP A 125 2.45 0.52 17.40
CA ASP A 125 2.55 -0.42 16.35
C ASP A 125 2.64 0.17 14.96
N HIS A 126 2.85 1.51 14.88
CA HIS A 126 2.81 2.13 13.60
C HIS A 126 3.97 3.13 13.57
N LEU A 127 4.05 3.97 14.58
CA LEU A 127 5.08 5.03 14.62
C LEU A 127 6.48 4.41 14.53
N ASN A 128 7.28 5.08 13.73
CA ASN A 128 8.68 4.65 13.62
C ASN A 128 9.62 5.41 14.54
N LEU A 129 10.78 4.79 14.52
CA LEU A 129 11.85 5.24 15.46
C LEU A 129 12.19 6.66 15.19
N GLN A 130 12.65 6.71 13.97
CA GLN A 130 13.12 8.09 13.68
C GLN A 130 12.07 9.20 13.95
N ASN A 131 10.82 9.01 13.50
CA ASN A 131 9.76 10.03 13.80
C ASN A 131 9.50 10.22 15.30
N ARG A 132 9.56 9.02 16.02
CA ARG A 132 9.37 9.11 17.43
C ARG A 132 10.47 9.84 18.19
N ASP A 133 11.67 9.75 17.71
CA ASP A 133 12.74 10.59 18.19
C ASP A 133 12.62 12.07 17.83
N LYS A 134 12.06 12.31 16.66
CA LYS A 134 11.87 13.74 16.37
C LYS A 134 10.69 14.28 17.22
N LEU A 135 9.62 13.47 17.42
CA LEU A 135 8.45 13.98 18.15
C LEU A 135 8.95 14.32 19.55
N ALA A 136 9.66 13.33 20.15
CA ALA A 136 10.06 13.47 21.56
C ALA A 136 10.89 14.72 21.86
N ALA A 137 11.65 15.18 20.86
CA ALA A 137 12.55 16.32 20.90
C ALA A 137 11.70 17.61 20.79
N ARG A 138 10.58 17.51 20.10
CA ARG A 138 9.70 18.63 20.12
C ARG A 138 9.17 18.89 21.49
N TYR A 139 8.90 17.82 22.30
CA TYR A 139 8.02 17.81 23.48
C TYR A 139 8.82 17.12 24.65
N PRO A 140 9.91 17.70 25.08
CA PRO A 140 10.85 16.89 25.95
C PRO A 140 10.25 16.59 27.32
N ASP A 141 9.17 17.36 27.61
CA ASP A 141 8.59 17.55 28.96
C ASP A 141 7.46 16.54 29.03
N ALA A 142 7.28 15.79 27.90
CA ALA A 142 6.03 15.08 27.67
C ALA A 142 6.33 13.59 27.66
N GLU A 143 5.39 12.80 28.20
CA GLU A 143 5.34 11.35 28.27
C GLU A 143 4.64 10.82 27.02
N LEU A 144 5.32 9.85 26.30
CA LEU A 144 4.64 9.36 25.12
C LEU A 144 4.09 8.03 25.53
N VAL A 145 2.84 7.82 25.32
CA VAL A 145 2.20 6.59 25.82
C VAL A 145 1.38 5.99 24.71
N ASP A 146 1.38 4.63 24.66
CA ASP A 146 0.57 3.90 23.62
C ASP A 146 -0.94 4.14 23.80
N VAL A 147 -1.55 4.46 22.69
CA VAL A 147 -3.04 4.40 22.52
C VAL A 147 -3.43 3.39 21.46
N ALA A 148 -2.60 2.87 20.64
CA ALA A 148 -3.06 1.94 19.56
C ALA A 148 -3.71 0.70 20.15
N ALA A 149 -3.36 0.24 21.34
CA ALA A 149 -4.06 -0.99 21.85
C ALA A 149 -5.51 -0.71 22.23
N ALA A 150 -5.74 0.48 22.93
CA ALA A 150 -7.07 1.04 23.35
C ALA A 150 -7.98 1.26 22.14
N CYS A 151 -7.42 1.80 21.06
CA CYS A 151 -8.04 2.04 19.75
C CYS A 151 -8.28 0.78 18.98
N MET A 152 -7.45 -0.19 19.15
CA MET A 152 -7.83 -1.36 18.33
C MET A 152 -9.03 -2.09 18.92
N ARG A 153 -9.10 -2.07 20.22
CA ARG A 153 -10.15 -2.78 20.84
C ARG A 153 -11.47 -2.01 20.64
N MET A 154 -11.44 -0.72 20.45
CA MET A 154 -12.61 0.11 20.22
C MET A 154 -12.99 -0.26 18.82
N ARG A 155 -11.94 -0.29 17.94
CA ARG A 155 -12.41 -0.59 16.55
C ARG A 155 -13.11 -1.98 16.42
N MET A 156 -12.74 -2.87 17.30
CA MET A 156 -13.14 -4.26 17.13
C MET A 156 -14.69 -4.53 17.04
N ILE A 157 -15.44 -3.63 17.53
CA ILE A 157 -16.90 -3.83 17.62
C ILE A 157 -17.51 -2.77 16.77
N LYS A 158 -18.12 -3.23 15.78
CA LYS A 158 -18.57 -2.31 14.76
C LYS A 158 -19.90 -1.75 15.14
N SER A 159 -20.18 -0.56 14.69
CA SER A 159 -21.58 -0.03 14.83
C SER A 159 -22.47 -0.62 13.74
N ALA A 160 -23.78 -0.28 13.82
CA ALA A 160 -24.70 -0.74 12.71
C ALA A 160 -24.39 -0.07 11.39
N GLU A 161 -23.86 1.25 11.38
CA GLU A 161 -23.48 1.90 10.14
C GLU A 161 -22.34 1.14 9.54
N GLU A 162 -21.51 0.62 10.40
CA GLU A 162 -20.35 -0.16 9.84
C GLU A 162 -20.86 -1.48 9.33
N HIS A 163 -21.91 -2.03 10.03
CA HIS A 163 -22.39 -3.25 9.45
C HIS A 163 -22.91 -3.09 8.02
N VAL A 164 -23.74 -2.07 7.91
CA VAL A 164 -24.33 -1.88 6.54
C VAL A 164 -23.30 -1.56 5.51
N MET A 165 -22.29 -0.88 5.98
CA MET A 165 -21.11 -0.73 4.98
C MET A 165 -20.45 -2.05 4.55
N ILE A 166 -20.24 -2.92 5.59
CA ILE A 166 -19.61 -4.18 5.30
C ILE A 166 -20.60 -5.13 4.52
N ARG A 167 -21.94 -4.99 4.70
CA ARG A 167 -22.82 -5.73 3.73
C ARG A 167 -22.71 -5.26 2.30
N HIS A 168 -22.57 -3.94 2.24
CA HIS A 168 -22.39 -3.50 0.89
C HIS A 168 -21.13 -4.02 0.30
N GLY A 169 -20.07 -3.97 1.03
CA GLY A 169 -18.86 -4.40 0.30
C GLY A 169 -18.92 -5.92 0.03
N ALA A 170 -19.66 -6.70 0.85
CA ALA A 170 -19.62 -8.15 0.49
C ALA A 170 -20.47 -8.42 -0.74
N ARG A 171 -21.40 -7.51 -0.86
CA ARG A 171 -22.17 -7.64 -2.12
C ARG A 171 -21.41 -7.36 -3.35
N ILE A 172 -20.65 -6.36 -3.29
CA ILE A 172 -19.84 -6.09 -4.47
C ILE A 172 -18.72 -7.16 -4.69
N ALA A 173 -18.12 -7.72 -3.60
CA ALA A 173 -17.18 -8.89 -3.76
C ALA A 173 -17.90 -10.09 -4.45
N ASP A 174 -19.23 -10.32 -4.08
CA ASP A 174 -19.99 -11.32 -4.88
C ASP A 174 -20.24 -10.88 -6.35
N ILE A 175 -20.21 -9.65 -6.61
CA ILE A 175 -20.18 -9.24 -8.00
C ILE A 175 -18.81 -9.50 -8.63
N GLY A 176 -17.72 -9.24 -7.83
CA GLY A 176 -16.36 -9.48 -8.41
C GLY A 176 -16.21 -10.97 -8.67
N GLY A 177 -16.78 -11.87 -7.82
CA GLY A 177 -16.94 -13.33 -8.01
C GLY A 177 -17.42 -13.69 -9.43
N ALA A 178 -18.61 -13.26 -9.70
CA ALA A 178 -19.22 -13.68 -10.94
C ALA A 178 -18.47 -13.16 -12.22
N ALA A 179 -17.68 -12.14 -12.02
CA ALA A 179 -16.85 -11.64 -13.15
C ALA A 179 -15.58 -12.49 -13.32
N VAL A 180 -15.18 -13.09 -12.22
CA VAL A 180 -14.09 -14.11 -12.38
C VAL A 180 -14.59 -15.24 -13.19
N VAL A 181 -15.82 -15.64 -12.83
CA VAL A 181 -16.36 -16.79 -13.54
C VAL A 181 -16.67 -16.33 -14.94
N GLU A 182 -17.03 -15.04 -15.10
CA GLU A 182 -17.31 -14.72 -16.49
C GLU A 182 -16.01 -14.95 -17.26
N ALA A 183 -14.95 -14.44 -16.69
CA ALA A 183 -13.75 -14.23 -17.48
C ALA A 183 -13.00 -15.53 -17.75
N LEU A 184 -13.35 -16.62 -17.07
CA LEU A 184 -12.56 -17.87 -17.00
C LEU A 184 -12.83 -18.69 -18.24
N GLY A 185 -11.76 -18.95 -19.04
CA GLY A 185 -11.75 -19.58 -20.36
C GLY A 185 -10.52 -20.46 -20.19
N ASP A 186 -10.43 -21.49 -20.94
CA ASP A 186 -9.15 -22.18 -20.95
C ASP A 186 -8.19 -21.33 -21.77
N GLN A 187 -7.05 -21.33 -21.18
CA GLN A 187 -5.82 -20.65 -21.54
C GLN A 187 -5.90 -19.12 -21.45
N VAL A 188 -6.75 -18.70 -20.46
CA VAL A 188 -6.83 -17.22 -20.03
C VAL A 188 -5.65 -17.09 -19.10
N PRO A 189 -4.95 -15.89 -19.30
CA PRO A 189 -3.85 -15.49 -18.34
C PRO A 189 -4.53 -15.10 -16.98
N GLU A 190 -3.78 -15.28 -15.90
CA GLU A 190 -4.30 -14.82 -14.61
C GLU A 190 -4.75 -13.35 -14.65
N TYR A 191 -3.86 -12.51 -15.29
CA TYR A 191 -4.08 -11.04 -15.20
C TYR A 191 -5.31 -10.55 -15.86
N GLU A 192 -5.76 -11.25 -16.86
CA GLU A 192 -6.89 -10.81 -17.62
C GLU A 192 -8.00 -11.04 -16.66
N VAL A 193 -7.99 -12.22 -16.05
CA VAL A 193 -9.11 -12.54 -15.16
C VAL A 193 -9.25 -11.53 -13.95
N ALA A 194 -8.14 -11.24 -13.25
CA ALA A 194 -7.98 -10.15 -12.25
C ALA A 194 -8.51 -8.77 -12.75
N LEU A 195 -8.16 -8.43 -13.94
CA LEU A 195 -8.53 -7.14 -14.52
C LEU A 195 -10.03 -7.10 -14.73
N HIS A 196 -10.66 -8.20 -15.20
CA HIS A 196 -12.09 -8.19 -15.44
C HIS A 196 -12.93 -8.16 -14.19
N ALA A 197 -12.37 -8.77 -13.13
CA ALA A 197 -13.01 -8.70 -11.83
C ALA A 197 -12.95 -7.34 -11.14
N THR A 198 -11.89 -6.78 -11.17
CA THR A 198 -11.65 -5.52 -10.45
C THR A 198 -12.33 -4.38 -11.24
N GLN A 199 -12.40 -4.42 -12.58
CA GLN A 199 -13.32 -3.47 -13.30
C GLN A 199 -14.81 -3.58 -12.93
N ALA A 200 -15.17 -4.86 -12.77
CA ALA A 200 -16.54 -5.19 -12.24
C ALA A 200 -16.76 -4.51 -10.87
N MET A 201 -15.82 -4.59 -10.05
CA MET A 201 -16.02 -4.03 -8.75
C MET A 201 -15.95 -2.51 -8.62
N VAL A 202 -14.93 -1.88 -9.30
CA VAL A 202 -14.79 -0.41 -9.37
C VAL A 202 -16.11 0.27 -9.78
N ARG A 203 -16.65 -0.21 -10.85
CA ARG A 203 -17.96 0.26 -11.37
C ARG A 203 -19.18 0.05 -10.51
N ALA A 204 -19.17 -1.05 -9.76
CA ALA A 204 -20.14 -1.24 -8.71
C ALA A 204 -20.01 -0.31 -7.51
N ILE A 205 -18.80 -0.15 -7.12
CA ILE A 205 -18.67 0.80 -6.00
C ILE A 205 -19.14 2.18 -6.52
N ALA A 206 -18.77 2.43 -7.76
CA ALA A 206 -19.06 3.76 -8.20
C ALA A 206 -20.58 3.96 -8.40
N ASP A 207 -21.32 2.95 -8.75
CA ASP A 207 -22.74 3.14 -8.61
C ASP A 207 -23.10 3.44 -7.17
N THR A 208 -22.65 2.59 -6.27
CA THR A 208 -23.45 2.48 -5.07
C THR A 208 -23.28 3.76 -4.33
N PHE A 209 -22.10 4.29 -4.42
CA PHE A 209 -21.80 5.19 -3.29
C PHE A 209 -21.66 6.62 -3.84
N GLU A 210 -21.87 7.57 -3.00
CA GLU A 210 -21.83 8.93 -3.50
C GLU A 210 -20.72 9.67 -2.78
N ASP A 211 -20.04 10.55 -3.44
CA ASP A 211 -18.91 11.15 -2.86
C ASP A 211 -17.75 10.15 -2.70
N VAL A 212 -17.90 9.05 -3.34
CA VAL A 212 -16.80 8.03 -3.11
C VAL A 212 -15.42 8.22 -3.82
N GLU A 213 -14.38 7.82 -3.13
CA GLU A 213 -12.99 7.79 -3.72
C GLU A 213 -12.65 6.38 -4.11
N LEU A 214 -12.46 6.28 -5.34
CA LEU A 214 -12.13 4.96 -5.96
C LEU A 214 -10.62 4.67 -5.88
N MET A 215 -10.22 3.83 -4.87
CA MET A 215 -8.81 3.48 -4.68
C MET A 215 -8.82 1.95 -4.45
N ASP A 216 -7.58 1.42 -4.61
CA ASP A 216 -6.95 0.16 -4.04
C ASP A 216 -7.67 -1.18 -4.37
N THR A 217 -8.94 -1.16 -4.81
CA THR A 217 -9.71 -2.38 -5.05
C THR A 217 -8.97 -3.34 -5.93
N TRP A 218 -8.73 -4.59 -5.38
CA TRP A 218 -7.99 -5.60 -6.23
C TRP A 218 -8.66 -6.99 -6.39
N THR A 219 -8.08 -7.85 -7.31
CA THR A 219 -8.35 -9.27 -7.37
C THR A 219 -7.02 -9.99 -7.26
N TRP A 220 -6.90 -11.14 -6.56
CA TRP A 220 -5.83 -12.19 -6.76
C TRP A 220 -6.50 -13.40 -7.34
N PHE A 221 -6.11 -13.70 -8.46
CA PHE A 221 -6.64 -14.82 -9.14
C PHE A 221 -5.45 -15.71 -9.51
N GLN A 222 -5.38 -16.85 -8.75
CA GLN A 222 -4.24 -17.80 -8.66
C GLN A 222 -4.53 -19.18 -9.34
N SER A 223 -3.60 -19.63 -10.15
CA SER A 223 -3.78 -20.92 -10.80
C SER A 223 -2.58 -21.81 -10.53
N GLY A 224 -2.80 -23.20 -10.34
CA GLY A 224 -1.78 -24.22 -10.30
C GLY A 224 -0.91 -24.08 -9.05
N ILE A 225 0.39 -23.82 -9.21
CA ILE A 225 1.18 -23.61 -8.03
C ILE A 225 1.03 -22.22 -7.35
N ASN A 226 0.50 -21.24 -8.13
CA ASN A 226 0.34 -19.87 -7.61
C ASN A 226 -0.80 -19.84 -6.58
N THR A 227 -1.51 -21.00 -6.47
CA THR A 227 -2.47 -21.12 -5.36
C THR A 227 -1.82 -21.58 -4.07
N ASP A 228 -0.48 -21.60 -4.02
CA ASP A 228 0.08 -22.11 -2.78
C ASP A 228 0.29 -21.09 -1.69
N GLY A 229 0.04 -19.76 -1.99
CA GLY A 229 -0.01 -18.77 -0.87
C GLY A 229 -1.11 -17.71 -1.15
N ALA A 230 -1.96 -17.61 -0.21
CA ALA A 230 -3.25 -16.88 -0.32
C ALA A 230 -3.02 -15.46 -0.85
N HIS A 231 -1.78 -14.87 -0.61
CA HIS A 231 -1.46 -13.42 -0.93
C HIS A 231 -0.57 -13.28 -2.18
N ASN A 232 -0.69 -14.37 -2.98
CA ASN A 232 0.24 -14.47 -4.10
C ASN A 232 -0.30 -13.61 -5.26
N PRO A 233 0.67 -12.86 -5.79
CA PRO A 233 0.57 -11.90 -6.99
C PRO A 233 0.25 -12.63 -8.29
N VAL A 234 -0.76 -12.01 -8.88
CA VAL A 234 -1.13 -12.33 -10.30
C VAL A 234 0.19 -12.51 -11.14
N THR A 235 0.17 -13.53 -12.01
CA THR A 235 1.28 -13.76 -12.98
C THR A 235 0.70 -13.76 -14.37
N THR A 236 1.52 -14.11 -15.30
CA THR A 236 0.90 -14.37 -16.59
C THR A 236 0.61 -15.83 -16.91
N ARG A 237 0.70 -16.70 -15.91
CA ARG A 237 0.29 -18.15 -16.17
C ARG A 237 -1.07 -18.25 -16.84
N LYS A 238 -1.18 -19.09 -17.83
CA LYS A 238 -2.50 -19.49 -18.35
C LYS A 238 -3.16 -20.71 -17.65
N VAL A 239 -4.48 -20.63 -17.51
CA VAL A 239 -5.39 -21.68 -16.97
C VAL A 239 -5.64 -22.73 -18.02
N ASN A 240 -5.29 -23.94 -17.51
CA ASN A 240 -5.68 -25.22 -18.03
C ASN A 240 -6.89 -25.69 -17.23
N LYS A 241 -7.76 -26.29 -18.01
CA LYS A 241 -8.79 -27.11 -17.43
C LYS A 241 -8.29 -28.08 -16.34
N GLY A 242 -9.07 -28.21 -15.24
CA GLY A 242 -8.45 -29.22 -14.24
C GLY A 242 -7.50 -28.54 -13.32
N ASP A 243 -6.85 -27.42 -13.73
CA ASP A 243 -5.93 -26.71 -12.76
C ASP A 243 -6.71 -26.36 -11.51
N ILE A 244 -6.04 -26.39 -10.38
CA ILE A 244 -6.70 -25.80 -9.16
C ILE A 244 -6.61 -24.21 -9.21
N LEU A 245 -7.70 -23.58 -8.89
CA LEU A 245 -7.80 -22.14 -9.07
C LEU A 245 -8.15 -21.55 -7.71
N SER A 246 -7.77 -20.24 -7.58
CA SER A 246 -8.34 -19.50 -6.41
C SER A 246 -8.78 -18.17 -6.98
N LEU A 247 -10.00 -17.77 -6.58
CA LEU A 247 -10.67 -16.47 -6.86
C LEU A 247 -10.56 -15.75 -5.50
N ASN A 248 -10.07 -14.45 -5.53
CA ASN A 248 -10.06 -13.61 -4.32
C ASN A 248 -10.34 -12.20 -4.74
N CYS A 249 -11.39 -11.57 -4.23
CA CYS A 249 -11.81 -10.29 -4.81
C CYS A 249 -12.05 -9.41 -3.63
N PHE A 250 -11.45 -8.25 -3.72
CA PHE A 250 -11.37 -7.32 -2.55
C PHE A 250 -11.81 -5.84 -2.86
N PRO A 251 -13.08 -5.57 -2.62
CA PRO A 251 -13.52 -4.16 -2.70
C PRO A 251 -12.95 -3.35 -1.52
N MET A 252 -12.42 -2.24 -1.86
CA MET A 252 -11.83 -1.31 -0.84
C MET A 252 -12.66 0.00 -0.90
N ILE A 253 -13.55 0.24 0.06
CA ILE A 253 -14.53 1.32 0.03
C ILE A 253 -14.27 2.22 1.22
N ALA A 254 -13.83 3.39 0.94
CA ALA A 254 -13.63 4.39 2.03
C ALA A 254 -12.82 3.80 3.17
N GLY A 255 -11.80 2.97 2.79
CA GLY A 255 -10.91 2.41 3.79
C GLY A 255 -11.42 1.08 4.44
N TYR A 256 -12.66 0.74 4.10
CA TYR A 256 -13.39 -0.53 4.57
C TYR A 256 -13.11 -1.66 3.60
N TYR A 257 -12.55 -2.69 4.09
CA TYR A 257 -12.11 -3.92 3.36
C TYR A 257 -13.22 -5.04 3.48
N THR A 258 -13.47 -5.77 2.38
CA THR A 258 -14.26 -7.00 2.55
C THR A 258 -13.64 -7.91 1.46
N ALA A 259 -14.01 -9.23 1.47
CA ALA A 259 -13.37 -10.17 0.53
C ALA A 259 -14.19 -11.44 0.47
N LEU A 260 -14.17 -11.96 -0.75
CA LEU A 260 -14.73 -13.19 -1.17
C LEU A 260 -13.50 -14.03 -1.60
N GLU A 261 -13.46 -15.28 -1.12
CA GLU A 261 -12.45 -16.18 -1.66
C GLU A 261 -13.09 -17.55 -1.85
N ARG A 262 -12.78 -18.16 -2.94
CA ARG A 262 -13.39 -19.45 -3.36
C ARG A 262 -12.37 -20.32 -4.16
N THR A 263 -12.22 -21.68 -3.78
CA THR A 263 -11.63 -22.66 -4.72
C THR A 263 -12.62 -22.78 -5.86
N LEU A 264 -12.03 -22.91 -7.04
CA LEU A 264 -12.85 -23.26 -8.24
C LEU A 264 -11.95 -24.03 -9.19
N PHE A 265 -12.55 -24.68 -10.20
CA PHE A 265 -11.81 -25.55 -11.25
C PHE A 265 -12.52 -25.16 -12.52
N LEU A 266 -11.83 -25.25 -13.58
CA LEU A 266 -12.50 -25.14 -14.90
C LEU A 266 -12.62 -26.53 -15.57
N ASP A 267 -13.88 -26.95 -15.80
CA ASP A 267 -14.28 -28.22 -16.46
C ASP A 267 -14.12 -29.51 -15.65
N HIS A 268 -13.22 -29.58 -14.77
CA HIS A 268 -13.21 -30.83 -13.96
C HIS A 268 -12.07 -30.72 -12.96
N CYS A 269 -12.32 -31.57 -12.04
CA CYS A 269 -11.48 -31.66 -10.84
C CYS A 269 -11.09 -33.18 -10.78
N SER A 270 -9.79 -33.39 -10.56
CA SER A 270 -9.46 -34.77 -10.37
C SER A 270 -10.07 -35.30 -9.09
N ASP A 271 -9.93 -36.68 -8.95
CA ASP A 271 -10.29 -37.36 -7.67
C ASP A 271 -9.58 -36.83 -6.43
N ASP A 272 -8.29 -36.63 -6.61
CA ASP A 272 -7.44 -36.31 -5.50
C ASP A 272 -7.75 -34.89 -5.09
N HIS A 273 -8.17 -34.10 -6.06
CA HIS A 273 -8.39 -32.73 -5.67
C HIS A 273 -9.75 -32.74 -5.05
N LEU A 274 -10.67 -33.45 -5.66
CA LEU A 274 -12.04 -33.40 -5.06
C LEU A 274 -11.99 -33.78 -3.56
N ARG A 275 -11.31 -34.92 -3.28
CA ARG A 275 -11.27 -35.43 -1.91
C ARG A 275 -10.82 -34.33 -0.91
N LEU A 276 -9.93 -33.52 -1.40
CA LEU A 276 -9.21 -32.52 -0.47
C LEU A 276 -10.08 -31.27 -0.37
N TRP A 277 -10.77 -31.01 -1.51
CA TRP A 277 -11.69 -29.81 -1.47
C TRP A 277 -12.86 -30.09 -0.52
N GLN A 278 -13.43 -31.27 -0.69
CA GLN A 278 -14.51 -31.67 0.28
C GLN A 278 -14.09 -31.68 1.75
N VAL A 279 -12.84 -32.14 2.17
CA VAL A 279 -12.35 -31.92 3.57
C VAL A 279 -12.46 -30.43 3.97
N ASN A 280 -11.69 -29.61 3.17
CA ASN A 280 -11.59 -28.12 3.46
C ASN A 280 -13.00 -27.46 3.56
N VAL A 281 -13.90 -27.91 2.69
CA VAL A 281 -15.35 -27.46 2.77
C VAL A 281 -16.16 -27.92 3.93
N GLU A 282 -15.62 -29.06 4.40
CA GLU A 282 -16.19 -29.64 5.65
C GLU A 282 -15.76 -28.90 6.88
N VAL A 283 -14.48 -28.59 6.95
CA VAL A 283 -14.07 -27.80 8.07
C VAL A 283 -14.72 -26.38 8.04
N HIS A 284 -15.01 -25.84 6.78
CA HIS A 284 -15.63 -24.49 6.62
C HIS A 284 -17.09 -24.39 7.14
N GLU A 285 -17.93 -25.35 6.65
CA GLU A 285 -19.28 -25.48 7.27
C GLU A 285 -19.36 -25.77 8.80
N ALA A 286 -18.31 -26.39 9.43
CA ALA A 286 -18.24 -26.52 10.88
C ALA A 286 -17.94 -25.18 11.54
N GLY A 287 -16.86 -24.46 10.93
CA GLY A 287 -16.39 -23.11 11.43
C GLY A 287 -17.63 -22.12 11.38
N LEU A 288 -18.41 -22.16 10.33
CA LEU A 288 -19.63 -21.37 10.31
C LEU A 288 -20.57 -21.68 11.47
N LYS A 289 -20.66 -22.94 11.82
CA LYS A 289 -21.53 -23.14 12.95
C LYS A 289 -20.87 -22.79 14.31
N LEU A 290 -19.51 -22.55 14.35
CA LEU A 290 -18.95 -22.25 15.68
C LEU A 290 -18.89 -20.74 15.86
N ILE A 291 -19.29 -19.94 14.91
CA ILE A 291 -18.98 -18.56 15.22
C ILE A 291 -20.19 -17.98 16.02
N LYS A 292 -20.09 -17.64 17.29
CA LYS A 292 -21.34 -17.24 18.06
C LYS A 292 -20.77 -16.44 19.25
N PRO A 293 -21.66 -15.55 19.78
CA PRO A 293 -21.19 -14.63 20.92
C PRO A 293 -20.84 -15.43 22.19
N GLY A 294 -19.82 -15.08 22.89
CA GLY A 294 -19.39 -16.02 23.89
C GLY A 294 -18.22 -16.88 23.47
N ALA A 295 -18.18 -17.37 22.29
CA ALA A 295 -17.15 -18.31 21.72
C ALA A 295 -15.78 -17.74 22.00
N ARG A 296 -14.83 -18.58 22.35
CA ARG A 296 -13.38 -18.20 22.25
C ARG A 296 -12.76 -18.62 20.91
N CYS A 297 -12.01 -17.65 20.39
CA CYS A 297 -11.11 -17.92 19.23
C CYS A 297 -10.25 -19.21 19.31
N SER A 298 -9.76 -19.38 20.49
CA SER A 298 -8.92 -20.58 20.85
C SER A 298 -9.74 -21.84 20.74
N ASP A 299 -11.00 -21.88 21.22
CA ASP A 299 -11.73 -23.09 21.13
C ASP A 299 -12.21 -23.42 19.75
N ILE A 300 -12.39 -22.38 18.94
CA ILE A 300 -12.75 -22.54 17.55
C ILE A 300 -11.56 -23.11 16.78
N ALA A 301 -10.41 -22.53 16.89
CA ALA A 301 -9.23 -23.20 16.19
C ALA A 301 -9.14 -24.71 16.45
N ARG A 302 -9.26 -24.88 17.71
CA ARG A 302 -8.91 -26.24 18.20
C ARG A 302 -9.94 -27.30 18.05
N GLU A 303 -11.17 -26.87 17.77
CA GLU A 303 -12.15 -27.84 17.24
C GLU A 303 -12.02 -28.09 15.78
N LEU A 304 -11.67 -27.06 14.95
CA LEU A 304 -11.68 -27.40 13.54
C LEU A 304 -10.40 -28.19 13.30
N ASN A 305 -9.39 -27.98 14.11
CA ASN A 305 -8.14 -28.70 13.86
C ASN A 305 -8.43 -30.21 13.99
N GLU A 306 -9.39 -30.60 14.89
CA GLU A 306 -9.81 -32.00 15.10
C GLU A 306 -10.45 -32.57 13.86
N ILE A 307 -10.94 -31.70 13.01
CA ILE A 307 -11.60 -32.26 11.86
C ILE A 307 -10.54 -32.58 10.82
N PHE A 308 -9.70 -31.60 10.74
CA PHE A 308 -8.64 -31.77 9.76
C PHE A 308 -7.82 -33.01 10.25
N LEU A 309 -7.51 -33.11 11.52
CA LEU A 309 -6.77 -34.27 11.91
C LEU A 309 -7.40 -35.64 11.64
N LYS A 310 -8.68 -35.67 11.71
CA LYS A 310 -9.44 -36.82 11.25
C LYS A 310 -9.32 -37.11 9.80
N HIS A 311 -8.71 -36.20 9.03
CA HIS A 311 -8.55 -36.57 7.59
C HIS A 311 -7.09 -36.46 7.30
N ASP A 312 -6.32 -36.48 8.40
CA ASP A 312 -4.78 -36.57 8.30
C ASP A 312 -4.19 -35.46 7.44
N VAL A 313 -4.64 -34.24 7.68
CA VAL A 313 -4.23 -33.10 6.82
C VAL A 313 -3.89 -31.83 7.54
N LEU A 314 -3.98 -31.96 8.78
CA LEU A 314 -3.82 -30.81 9.58
C LEU A 314 -2.43 -30.20 9.28
N GLN A 315 -1.46 -31.00 8.90
CA GLN A 315 -0.10 -30.52 8.81
C GLN A 315 -0.04 -29.77 7.51
N TYR A 316 -1.12 -29.73 6.84
CA TYR A 316 -1.09 -28.89 5.64
C TYR A 316 -1.83 -27.54 5.86
N ARG A 317 -2.09 -27.11 7.07
CA ARG A 317 -2.74 -25.79 7.28
C ARG A 317 -1.56 -24.81 7.22
N THR A 318 -1.89 -23.64 6.65
CA THR A 318 -0.92 -22.61 6.38
C THR A 318 -1.05 -21.36 7.23
N PHE A 319 -2.24 -20.99 7.77
CA PHE A 319 -2.45 -19.73 8.54
C PHE A 319 -3.74 -19.82 9.35
N GLY A 320 -3.96 -18.82 10.23
CA GLY A 320 -5.17 -18.66 11.13
C GLY A 320 -6.53 -18.70 10.34
N TYR A 321 -7.60 -19.18 11.00
CA TYR A 321 -8.98 -19.37 10.42
C TYR A 321 -9.65 -18.07 10.20
N GLY A 322 -9.17 -16.95 10.79
CA GLY A 322 -9.80 -15.82 10.22
C GLY A 322 -9.58 -14.65 11.12
N HIS A 323 -10.03 -13.48 10.70
CA HIS A 323 -9.64 -12.26 11.43
C HIS A 323 -10.82 -11.26 11.46
N SER A 324 -10.49 -10.09 12.06
CA SER A 324 -11.44 -8.98 12.19
C SER A 324 -11.44 -7.97 11.00
N PHE A 325 -12.65 -7.59 10.59
CA PHE A 325 -12.85 -6.66 9.49
C PHE A 325 -12.89 -5.17 10.00
N GLY A 326 -13.52 -4.25 9.20
CA GLY A 326 -13.31 -2.84 9.59
C GLY A 326 -12.40 -2.00 8.63
N THR A 327 -11.75 -1.06 9.21
CA THR A 327 -10.83 -0.33 8.38
C THR A 327 -9.39 -1.01 8.29
N LEU A 328 -9.11 -1.64 7.12
CA LEU A 328 -7.82 -2.28 6.84
C LEU A 328 -7.72 -2.47 5.35
N SER A 329 -6.52 -2.86 4.92
CA SER A 329 -6.33 -3.42 3.60
C SER A 329 -5.07 -4.41 3.68
N HIS A 330 -4.40 -4.65 2.57
CA HIS A 330 -3.12 -5.35 2.56
C HIS A 330 -1.97 -4.50 3.11
N TYR A 331 -2.06 -3.25 3.05
CA TYR A 331 -1.07 -2.37 3.64
C TYR A 331 -1.52 -1.46 4.81
N TYR A 332 -2.64 -1.72 5.48
CA TYR A 332 -2.82 -1.00 6.78
C TYR A 332 -3.90 -1.71 7.66
N GLY A 333 -3.99 -1.47 8.91
CA GLY A 333 -5.07 -1.88 9.75
C GLY A 333 -4.81 -3.27 10.26
N ARG A 334 -5.91 -3.91 10.64
CA ARG A 334 -6.01 -5.34 11.19
C ARG A 334 -5.95 -5.28 12.70
N GLU A 335 -7.02 -5.76 13.44
CA GLU A 335 -7.19 -5.78 14.96
C GLU A 335 -6.76 -7.15 15.52
N ALA A 336 -5.44 -7.01 15.96
CA ALA A 336 -4.62 -8.19 16.30
C ALA A 336 -5.20 -8.90 17.56
N GLY A 337 -6.08 -8.25 18.33
CA GLY A 337 -6.73 -8.99 19.43
C GLY A 337 -7.94 -9.86 19.08
N LEU A 338 -8.38 -9.69 17.82
CA LEU A 338 -9.31 -10.40 16.91
C LEU A 338 -8.84 -11.47 15.93
N GLU A 339 -8.13 -12.60 16.31
CA GLU A 339 -7.55 -13.59 15.29
C GLU A 339 -7.96 -15.02 15.70
N LEU A 340 -8.43 -15.82 14.75
CA LEU A 340 -8.90 -17.24 15.06
C LEU A 340 -7.71 -18.20 15.13
N ARG A 341 -6.76 -17.90 16.05
CA ARG A 341 -5.42 -18.47 16.25
C ARG A 341 -5.50 -19.25 17.58
N GLU A 342 -4.59 -20.32 17.65
CA GLU A 342 -4.57 -21.34 18.78
C GLU A 342 -4.38 -20.81 20.20
N ASP A 343 -3.81 -19.61 20.37
CA ASP A 343 -3.48 -19.04 21.72
C ASP A 343 -4.17 -17.71 21.96
N ILE A 344 -5.16 -17.42 21.12
CA ILE A 344 -5.85 -16.18 21.28
C ILE A 344 -7.14 -16.47 22.02
N ASP A 345 -7.31 -15.91 23.21
CA ASP A 345 -8.56 -16.16 23.92
C ASP A 345 -9.65 -15.12 24.12
N THR A 346 -9.62 -14.15 23.20
CA THR A 346 -10.74 -13.20 23.03
C THR A 346 -11.98 -14.07 22.69
N VAL A 347 -13.01 -13.50 23.26
CA VAL A 347 -14.32 -14.05 23.16
C VAL A 347 -15.17 -13.16 22.27
N LEU A 348 -15.65 -13.83 21.26
CA LEU A 348 -16.51 -13.16 20.33
C LEU A 348 -17.70 -12.46 21.02
N GLU A 349 -18.02 -11.24 20.57
CA GLU A 349 -19.06 -10.42 21.16
C GLU A 349 -19.83 -9.83 19.98
N PRO A 350 -21.17 -9.66 20.16
CA PRO A 350 -22.00 -8.98 19.17
C PRO A 350 -21.36 -7.70 18.64
N GLY A 351 -21.48 -7.65 17.37
CA GLY A 351 -20.93 -6.49 16.64
C GLY A 351 -19.56 -6.72 16.03
N MET A 352 -18.96 -7.79 16.48
CA MET A 352 -17.74 -8.24 15.77
C MET A 352 -18.00 -8.72 14.38
N VAL A 353 -16.98 -8.50 13.50
CA VAL A 353 -17.14 -8.93 12.16
C VAL A 353 -15.90 -9.76 11.84
N VAL A 354 -16.07 -11.08 11.52
CA VAL A 354 -14.89 -11.95 11.41
C VAL A 354 -14.97 -12.74 10.14
N SER A 355 -13.78 -13.28 9.72
CA SER A 355 -13.93 -14.30 8.63
C SER A 355 -13.85 -15.76 9.10
N MET A 356 -14.27 -16.64 8.17
CA MET A 356 -13.96 -18.00 8.29
C MET A 356 -13.31 -18.46 6.97
N GLU A 357 -11.96 -18.68 7.08
CA GLU A 357 -11.30 -19.00 5.78
C GLU A 357 -10.31 -20.12 6.10
N PRO A 358 -10.78 -21.34 6.33
CA PRO A 358 -9.81 -22.52 6.40
C PRO A 358 -9.08 -22.62 5.05
N MET A 359 -7.83 -23.08 5.16
CA MET A 359 -6.95 -23.42 4.06
C MET A 359 -6.05 -24.61 4.45
N ILE A 360 -5.96 -25.56 3.51
CA ILE A 360 -4.77 -26.42 3.47
C ILE A 360 -4.13 -26.28 2.11
N MET A 361 -2.86 -26.62 2.12
CA MET A 361 -1.96 -26.44 0.95
C MET A 361 -1.03 -27.71 0.91
N LEU A 362 -1.16 -28.41 -0.19
CA LEU A 362 -0.32 -29.52 -0.45
C LEU A 362 0.78 -29.17 -1.50
N PRO A 363 2.01 -29.50 -1.10
CA PRO A 363 3.21 -29.13 -1.92
C PRO A 363 3.26 -29.95 -3.17
N GLU A 364 3.69 -29.26 -4.26
CA GLU A 364 3.76 -29.86 -5.63
C GLU A 364 4.27 -31.29 -5.51
N GLY A 365 3.65 -31.92 -6.45
CA GLY A 365 4.03 -33.31 -6.55
C GLY A 365 3.20 -34.24 -5.69
N LEU A 366 2.84 -33.88 -4.45
CA LEU A 366 1.89 -34.79 -3.67
C LEU A 366 0.66 -34.87 -4.55
N PRO A 367 -0.05 -35.93 -4.41
CA PRO A 367 -1.34 -35.87 -5.04
C PRO A 367 -2.27 -34.73 -4.49
N GLY A 368 -3.18 -34.20 -5.38
CA GLY A 368 -4.01 -32.93 -5.06
C GLY A 368 -3.20 -31.70 -4.52
N ALA A 369 -1.95 -31.55 -5.03
CA ALA A 369 -1.00 -30.43 -4.76
C ALA A 369 -1.85 -29.19 -5.01
N GLY A 370 -1.60 -28.10 -4.31
CA GLY A 370 -2.30 -26.79 -4.54
C GLY A 370 -2.79 -26.22 -3.22
N GLY A 371 -3.46 -25.16 -3.36
CA GLY A 371 -3.96 -24.46 -2.14
C GLY A 371 -5.47 -24.47 -2.21
N TYR A 372 -6.10 -24.76 -1.04
CA TYR A 372 -7.58 -24.84 -1.02
C TYR A 372 -8.04 -23.80 0.01
N ARG A 373 -9.02 -23.02 -0.37
CA ARG A 373 -9.43 -21.99 0.61
C ARG A 373 -10.85 -21.43 0.25
N GLU A 374 -11.72 -21.46 1.27
CA GLU A 374 -13.07 -20.81 1.30
C GLU A 374 -13.09 -19.71 2.32
N HIS A 375 -13.77 -18.68 1.99
CA HIS A 375 -13.70 -17.49 2.87
C HIS A 375 -15.00 -16.67 2.94
N ASP A 376 -15.73 -16.76 4.07
CA ASP A 376 -17.01 -16.01 4.17
C ASP A 376 -16.86 -14.96 5.29
N ILE A 377 -17.74 -13.94 5.33
CA ILE A 377 -17.63 -13.08 6.52
C ILE A 377 -18.90 -13.22 7.40
N LEU A 378 -18.82 -13.04 8.75
CA LEU A 378 -19.94 -13.31 9.63
C LEU A 378 -20.07 -12.12 10.53
N ILE A 379 -21.36 -11.58 10.62
CA ILE A 379 -21.49 -10.52 11.65
C ILE A 379 -21.90 -11.21 12.92
N VAL A 380 -21.26 -10.91 14.04
CA VAL A 380 -21.69 -11.58 15.26
C VAL A 380 -22.85 -10.73 15.82
N ASN A 381 -23.89 -11.52 16.20
CA ASN A 381 -25.00 -10.78 16.87
C ASN A 381 -25.31 -11.49 18.16
N GLU A 382 -26.50 -11.09 18.67
CA GLU A 382 -26.78 -11.39 20.07
C GLU A 382 -27.15 -12.85 20.16
N ASN A 383 -27.48 -13.48 19.11
CA ASN A 383 -27.93 -14.84 19.07
C ASN A 383 -27.10 -15.85 18.30
N GLY A 384 -26.00 -15.45 17.64
CA GLY A 384 -25.36 -16.23 16.58
C GLY A 384 -24.48 -15.28 15.72
N ALA A 385 -24.59 -15.55 14.42
CA ALA A 385 -23.93 -14.74 13.49
C ALA A 385 -24.56 -14.77 12.10
N GLU A 386 -24.45 -13.65 11.42
CA GLU A 386 -25.14 -13.58 10.16
C GLU A 386 -24.05 -13.72 9.13
N ASN A 387 -24.21 -14.65 8.19
CA ASN A 387 -23.16 -14.76 7.20
C ASN A 387 -23.51 -13.91 5.98
N ILE A 388 -22.60 -12.97 5.66
CA ILE A 388 -22.94 -12.02 4.57
C ILE A 388 -22.47 -12.49 3.22
N THR A 389 -21.76 -13.68 3.13
CA THR A 389 -21.14 -13.97 1.89
C THR A 389 -22.07 -14.84 1.08
N LYS A 390 -22.62 -14.27 -0.03
CA LYS A 390 -23.56 -15.13 -0.72
C LYS A 390 -23.06 -15.96 -1.89
N PHE A 391 -21.85 -15.80 -2.44
CA PHE A 391 -21.42 -16.60 -3.53
C PHE A 391 -21.24 -18.11 -3.09
N PRO A 392 -21.65 -19.00 -3.98
CA PRO A 392 -21.53 -20.44 -3.66
C PRO A 392 -20.09 -20.91 -3.38
N TYR A 393 -19.94 -21.98 -2.64
CA TYR A 393 -18.65 -22.62 -2.36
C TYR A 393 -18.73 -24.15 -2.60
N GLY A 394 -17.54 -24.80 -2.79
CA GLY A 394 -17.64 -26.25 -3.13
C GLY A 394 -17.87 -26.62 -4.58
N PRO A 395 -17.67 -27.87 -4.75
CA PRO A 395 -17.73 -28.49 -6.13
C PRO A 395 -19.07 -28.55 -6.90
N GLU A 396 -20.18 -28.53 -6.18
CA GLU A 396 -21.53 -28.62 -6.78
C GLU A 396 -21.74 -27.50 -7.74
N LYS A 397 -21.13 -26.40 -7.31
CA LYS A 397 -21.28 -25.15 -8.09
C LYS A 397 -19.93 -24.63 -8.61
N ASN A 398 -18.79 -24.90 -7.95
CA ASN A 398 -17.54 -24.29 -8.44
C ASN A 398 -16.64 -25.21 -9.31
N ILE A 399 -17.28 -26.12 -9.90
CA ILE A 399 -16.69 -26.79 -11.10
C ILE A 399 -17.22 -26.16 -12.43
N ILE A 400 -16.49 -25.13 -12.95
CA ILE A 400 -17.14 -24.26 -13.91
C ILE A 400 -17.07 -24.85 -15.31
N ARG A 401 -18.24 -25.13 -15.98
CA ARG A 401 -18.36 -25.95 -17.23
C ARG A 401 -18.77 -24.89 -18.30
N GLN B 1 1.42 -31.58 16.30
CA GLN B 1 2.01 -30.45 17.04
C GLN B 1 2.27 -29.27 16.10
N MET B 2 2.06 -28.08 16.63
CA MET B 2 2.07 -26.78 15.71
C MET B 2 3.50 -26.15 15.84
N PRO B 3 4.37 -26.27 14.79
CA PRO B 3 5.74 -25.74 14.91
C PRO B 3 5.72 -24.23 14.71
N LYS B 4 6.67 -23.62 15.25
CA LYS B 4 6.86 -22.15 15.10
C LYS B 4 7.41 -21.72 13.73
N THR B 5 8.35 -22.51 13.21
CA THR B 5 9.03 -22.21 11.93
C THR B 5 9.06 -23.52 11.18
N LEU B 6 9.09 -23.32 9.85
CA LEU B 6 9.40 -24.30 8.75
C LEU B 6 10.18 -23.69 7.59
N ARG B 7 10.21 -24.49 6.63
CA ARG B 7 10.66 -24.23 5.24
C ARG B 7 9.74 -24.89 4.30
N ILE B 8 9.48 -24.09 3.26
CA ILE B 8 8.53 -24.41 2.18
C ILE B 8 9.21 -24.09 0.87
N ARG B 9 9.85 -25.11 0.35
CA ARG B 9 10.61 -24.99 -0.85
C ARG B 9 9.87 -25.53 -2.03
N ASN B 10 8.81 -24.80 -2.38
CA ASN B 10 7.73 -25.34 -3.27
C ASN B 10 7.82 -24.77 -4.69
N GLY B 11 8.01 -25.57 -5.72
CA GLY B 11 8.18 -25.27 -7.09
C GLY B 11 9.63 -24.69 -7.33
N ASP B 12 9.96 -24.05 -8.41
CA ASP B 12 11.34 -23.74 -8.67
C ASP B 12 11.50 -22.25 -8.48
N LYS B 13 12.66 -21.80 -8.20
CA LYS B 13 12.86 -20.37 -7.96
C LYS B 13 12.63 -19.60 -9.24
N VAL B 14 12.10 -18.38 -9.28
CA VAL B 14 11.71 -17.85 -10.59
C VAL B 14 12.97 -17.35 -11.36
N ARG B 15 12.81 -16.82 -12.73
CA ARG B 15 13.96 -16.05 -13.41
C ARG B 15 14.02 -14.67 -12.76
N SER B 16 14.98 -14.29 -12.05
CA SER B 16 14.79 -12.99 -11.29
C SER B 16 14.77 -11.71 -12.15
N THR B 17 14.49 -10.61 -11.42
CA THR B 17 14.14 -9.37 -12.16
C THR B 17 15.45 -8.76 -12.69
N PHE B 18 16.51 -8.83 -11.89
CA PHE B 18 17.88 -8.49 -12.31
C PHE B 18 18.84 -9.71 -12.35
N SER B 19 19.97 -9.58 -12.98
CA SER B 19 20.89 -10.66 -13.12
C SER B 19 21.36 -11.07 -11.75
N ALA B 20 22.03 -12.24 -11.72
CA ALA B 20 22.81 -12.62 -10.46
C ALA B 20 23.97 -11.75 -10.01
N GLN B 21 24.80 -11.40 -10.96
CA GLN B 21 25.79 -10.31 -10.72
C GLN B 21 25.19 -9.04 -10.13
N GLU B 22 23.96 -8.64 -10.70
CA GLU B 22 23.37 -7.39 -10.13
C GLU B 22 23.13 -7.52 -8.60
N TYR B 23 22.50 -8.71 -8.30
CA TYR B 23 22.23 -8.91 -6.82
C TYR B 23 23.45 -9.08 -5.90
N ALA B 24 24.40 -9.96 -6.41
CA ALA B 24 25.72 -10.11 -5.85
C ALA B 24 26.41 -8.76 -5.59
N ASN B 25 26.37 -7.84 -6.55
CA ASN B 25 27.01 -6.51 -6.38
C ASN B 25 26.31 -5.67 -5.34
N ARG B 26 24.96 -5.78 -5.26
CA ARG B 26 24.26 -4.93 -4.19
C ARG B 26 24.51 -5.53 -2.85
N GLN B 27 24.58 -6.89 -2.86
CA GLN B 27 24.78 -7.54 -1.56
C GLN B 27 26.24 -7.41 -1.18
N ALA B 28 27.12 -7.18 -2.17
CA ALA B 28 28.52 -7.04 -1.82
C ALA B 28 28.67 -5.72 -1.18
N ARG B 29 28.09 -4.76 -1.90
CA ARG B 29 28.33 -3.42 -1.25
C ARG B 29 27.86 -3.31 0.19
N LEU B 30 26.68 -3.85 0.42
CA LEU B 30 26.06 -3.60 1.69
C LEU B 30 26.92 -4.26 2.76
N ARG B 31 27.42 -5.53 2.42
CA ARG B 31 28.35 -6.20 3.39
C ARG B 31 29.65 -5.43 3.63
N ALA B 32 30.20 -4.66 2.72
CA ALA B 32 31.43 -3.80 2.87
C ALA B 32 31.16 -2.70 3.83
N HIS B 33 29.85 -2.41 3.85
CA HIS B 33 29.33 -1.46 4.87
C HIS B 33 29.25 -2.04 6.25
N LEU B 34 28.63 -3.26 6.30
CA LEU B 34 28.45 -3.93 7.64
C LEU B 34 29.83 -4.06 8.32
N ALA B 35 30.70 -4.75 7.52
CA ALA B 35 32.13 -4.96 7.89
C ALA B 35 32.91 -3.69 8.37
N ALA B 36 32.68 -2.59 7.59
CA ALA B 36 33.27 -1.29 7.99
C ALA B 36 32.65 -0.78 9.25
N GLU B 37 31.44 -1.32 9.65
CA GLU B 37 30.98 -0.69 10.84
C GLU B 37 30.81 -1.68 11.95
N ASN B 38 31.34 -2.89 11.72
CA ASN B 38 31.28 -3.92 12.75
C ASN B 38 29.82 -4.22 13.19
N ILE B 39 29.10 -4.28 12.15
CA ILE B 39 27.67 -4.69 12.27
C ILE B 39 27.54 -6.12 11.82
N ASP B 40 27.14 -7.03 12.73
CA ASP B 40 27.09 -8.49 12.63
C ASP B 40 26.02 -8.89 11.65
N ALA B 41 24.96 -8.16 11.75
CA ALA B 41 23.89 -8.51 10.80
C ALA B 41 23.07 -7.29 10.46
N ALA B 42 22.45 -7.27 9.23
CA ALA B 42 21.33 -6.27 9.00
C ALA B 42 20.03 -7.01 9.10
N ILE B 43 19.07 -6.50 9.79
CA ILE B 43 17.69 -7.10 9.63
C ILE B 43 16.79 -6.12 8.89
N PHE B 44 16.49 -6.34 7.65
CA PHE B 44 15.62 -5.38 7.03
C PHE B 44 14.13 -5.72 7.28
N THR B 45 13.32 -4.75 7.58
CA THR B 45 11.81 -4.99 7.72
C THR B 45 10.98 -4.37 6.58
N SER B 46 11.44 -3.35 5.84
CA SER B 46 10.74 -2.51 4.79
C SER B 46 10.53 -3.20 3.47
N TYR B 47 9.50 -2.84 2.79
CA TYR B 47 9.24 -3.52 1.52
C TYR B 47 10.46 -3.26 0.62
N HIS B 48 10.93 -2.04 0.59
CA HIS B 48 11.85 -1.57 -0.50
C HIS B 48 13.30 -2.03 -0.24
N ASN B 49 13.80 -2.14 0.91
CA ASN B 49 15.08 -2.78 1.10
C ASN B 49 14.93 -4.30 1.05
N ILE B 50 13.91 -4.96 1.58
CA ILE B 50 13.77 -6.35 1.20
C ILE B 50 13.81 -6.63 -0.32
N ASN B 51 13.06 -5.81 -1.09
CA ASN B 51 13.00 -5.98 -2.52
C ASN B 51 14.28 -5.71 -3.31
N TYR B 52 14.86 -4.66 -2.91
CA TYR B 52 16.19 -4.20 -3.48
C TYR B 52 17.27 -5.30 -3.30
N TYR B 53 17.41 -5.85 -2.11
CA TYR B 53 18.44 -6.94 -1.81
C TYR B 53 18.01 -8.38 -1.97
N SER B 54 16.76 -8.66 -2.40
CA SER B 54 16.44 -10.02 -2.69
C SER B 54 15.38 -10.31 -3.77
N ASP B 55 14.73 -9.34 -4.35
CA ASP B 55 13.78 -9.58 -5.40
C ASP B 55 12.44 -10.08 -4.79
N PHE B 56 12.32 -10.03 -3.44
CA PHE B 56 10.94 -10.51 -2.97
C PHE B 56 10.20 -9.26 -2.53
N LEU B 57 9.04 -9.13 -3.15
CA LEU B 57 8.25 -7.95 -2.61
C LEU B 57 7.03 -8.50 -1.76
N TYR B 58 7.06 -8.24 -0.46
CA TYR B 58 6.09 -8.90 0.36
C TYR B 58 4.77 -8.11 0.46
N CYS B 59 3.85 -8.90 0.91
CA CYS B 59 2.43 -8.48 1.19
C CYS B 59 2.23 -8.48 2.70
N SER B 60 2.04 -7.36 3.29
CA SER B 60 2.06 -7.41 4.75
C SER B 60 0.77 -7.90 5.40
N PHE B 61 -0.43 -7.43 5.04
CA PHE B 61 -1.62 -7.88 5.74
C PHE B 61 -1.51 -7.89 7.29
N GLY B 62 -0.75 -7.03 7.86
CA GLY B 62 -0.40 -6.95 9.28
C GLY B 62 0.37 -8.16 9.89
N ARG B 63 1.10 -8.78 8.99
CA ARG B 63 2.18 -9.62 9.46
C ARG B 63 3.56 -8.98 9.20
N PRO B 64 4.54 -9.20 10.14
CA PRO B 64 5.95 -8.84 9.86
C PRO B 64 6.74 -9.77 8.89
N TYR B 65 7.72 -9.10 8.22
CA TYR B 65 8.54 -9.74 7.21
C TYR B 65 9.96 -9.22 7.51
N ALA B 66 10.97 -10.07 7.09
CA ALA B 66 12.39 -9.77 7.40
C ALA B 66 13.34 -10.25 6.33
N LEU B 67 14.40 -9.51 6.20
CA LEU B 67 15.52 -10.06 5.39
C LEU B 67 16.77 -9.89 6.22
N VAL B 68 17.41 -11.01 6.53
CA VAL B 68 18.59 -10.89 7.48
C VAL B 68 19.87 -11.13 6.66
N VAL B 69 20.72 -10.05 6.68
CA VAL B 69 22.00 -10.13 5.87
C VAL B 69 23.11 -10.27 6.92
N THR B 70 23.93 -11.25 6.72
CA THR B 70 25.25 -11.40 7.40
C THR B 70 26.34 -11.40 6.35
N GLU B 71 27.60 -11.60 6.77
CA GLU B 71 28.66 -11.78 5.75
C GLU B 71 28.47 -13.00 4.86
N ASP B 72 27.74 -14.01 5.39
CA ASP B 72 27.63 -15.35 4.75
C ASP B 72 26.33 -15.68 4.13
N ASP B 73 25.29 -15.09 4.72
CA ASP B 73 23.90 -15.50 4.35
C ASP B 73 23.14 -14.29 3.86
N VAL B 74 22.11 -14.64 3.20
CA VAL B 74 20.86 -13.70 3.01
C VAL B 74 19.55 -14.48 3.23
N ILE B 75 18.90 -14.18 4.41
CA ILE B 75 17.84 -15.19 4.75
C ILE B 75 16.48 -14.42 4.72
N SER B 76 15.56 -14.74 3.82
CA SER B 76 14.17 -14.16 3.91
C SER B 76 13.27 -14.90 4.93
N ILE B 77 12.50 -14.05 5.69
CA ILE B 77 11.63 -14.50 6.75
C ILE B 77 10.19 -14.12 6.47
N SER B 78 9.42 -15.08 5.98
CA SER B 78 7.99 -14.97 5.47
C SER B 78 7.03 -15.65 6.42
N ALA B 79 5.78 -15.33 6.25
CA ALA B 79 4.64 -15.94 6.87
C ALA B 79 4.24 -17.26 6.14
N ASN B 80 3.84 -18.20 6.96
CA ASN B 80 3.37 -19.48 6.39
C ASN B 80 2.25 -19.30 5.40
N ILE B 81 1.25 -18.31 5.67
CA ILE B 81 0.31 -18.03 4.56
C ILE B 81 0.87 -17.95 3.08
N ASP B 82 2.17 -17.51 2.90
CA ASP B 82 2.66 -17.20 1.49
C ASP B 82 3.19 -18.48 0.83
N GLY B 83 3.20 -19.63 1.56
CA GLY B 83 3.69 -20.92 0.98
C GLY B 83 5.13 -20.87 0.51
N GLY B 84 5.36 -21.33 -0.64
CA GLY B 84 6.70 -21.38 -1.30
C GLY B 84 7.06 -20.05 -2.04
N GLN B 85 6.08 -19.16 -2.23
CA GLN B 85 6.31 -17.92 -3.00
C GLN B 85 7.49 -17.06 -2.53
N PRO B 86 7.60 -16.62 -1.24
CA PRO B 86 8.84 -15.94 -0.81
C PRO B 86 10.15 -16.62 -1.11
N TRP B 87 10.11 -17.98 -1.12
CA TRP B 87 11.31 -18.72 -1.41
C TRP B 87 11.57 -18.74 -2.91
N ARG B 88 10.61 -18.96 -3.77
CA ARG B 88 10.89 -18.96 -5.14
C ARG B 88 11.34 -17.62 -5.71
N ARG B 89 11.16 -16.53 -4.98
CA ARG B 89 11.66 -15.24 -5.37
C ARG B 89 12.97 -14.91 -4.74
N THR B 90 13.30 -15.34 -3.53
CA THR B 90 14.42 -14.71 -2.82
C THR B 90 15.72 -15.08 -3.57
N VAL B 91 16.56 -14.11 -3.90
CA VAL B 91 18.00 -14.18 -4.25
C VAL B 91 18.79 -13.99 -2.99
N GLY B 92 18.94 -15.19 -2.30
CA GLY B 92 19.64 -15.17 -1.01
C GLY B 92 19.98 -16.63 -0.69
N THR B 93 20.32 -16.92 0.51
CA THR B 93 20.87 -18.26 0.83
C THR B 93 19.85 -19.20 1.53
N ASP B 94 18.80 -18.55 2.10
CA ASP B 94 17.71 -19.28 2.78
C ASP B 94 16.38 -18.45 2.82
N ASN B 95 15.33 -19.14 3.31
CA ASN B 95 13.98 -18.70 3.57
C ASN B 95 13.52 -19.48 4.77
N ILE B 96 13.30 -18.75 5.80
CA ILE B 96 12.61 -19.40 6.93
C ILE B 96 11.15 -18.87 7.07
N VAL B 97 10.18 -19.74 7.13
CA VAL B 97 8.76 -19.44 7.36
C VAL B 97 8.54 -19.58 8.86
N TYR B 98 7.83 -18.50 9.40
CA TYR B 98 7.18 -18.62 10.72
C TYR B 98 5.65 -18.90 10.60
N THR B 99 4.98 -19.44 11.60
CA THR B 99 3.48 -19.70 11.54
C THR B 99 2.68 -18.80 12.50
N ASP B 100 1.40 -18.92 12.23
CA ASP B 100 0.30 -18.16 13.04
C ASP B 100 0.00 -18.71 14.47
N TRP B 101 0.54 -19.90 14.61
CA TRP B 101 -0.03 -20.78 15.67
C TRP B 101 0.47 -20.46 17.05
N GLN B 102 1.41 -19.57 17.14
CA GLN B 102 1.63 -18.95 18.38
C GLN B 102 1.96 -17.48 18.12
N ARG B 103 1.71 -16.53 19.10
CA ARG B 103 2.11 -15.18 19.00
C ARG B 103 3.62 -15.16 18.82
N ASP B 104 4.09 -14.17 18.01
CA ASP B 104 5.48 -13.72 17.87
C ASP B 104 6.39 -14.88 17.49
N ASN B 105 5.83 -15.74 16.60
CA ASN B 105 6.74 -16.77 15.96
C ASN B 105 7.78 -16.12 15.01
N TYR B 106 7.46 -14.86 14.62
CA TYR B 106 8.34 -14.19 13.73
C TYR B 106 9.71 -14.03 14.45
N PHE B 107 9.72 -13.57 15.68
CA PHE B 107 10.93 -13.36 16.42
C PHE B 107 11.68 -14.66 16.80
N ALA B 108 11.03 -15.84 16.59
CA ALA B 108 11.67 -17.10 16.64
C ALA B 108 12.28 -17.51 15.29
N ALA B 109 11.80 -17.00 14.21
CA ALA B 109 12.41 -17.26 12.86
C ALA B 109 13.70 -16.37 12.64
N ILE B 110 13.61 -15.19 13.23
CA ILE B 110 14.66 -14.32 13.35
C ILE B 110 15.75 -14.97 14.20
N GLN B 111 15.41 -15.40 15.42
CA GLN B 111 16.49 -15.84 16.29
C GLN B 111 17.08 -17.17 15.83
N GLN B 112 16.28 -17.94 15.16
CA GLN B 112 16.75 -18.97 14.23
C GLN B 112 17.78 -18.51 13.19
N ALA B 113 17.56 -17.37 12.53
CA ALA B 113 18.39 -16.97 11.38
C ALA B 113 19.71 -16.36 11.87
N LEU B 114 19.60 -15.73 13.01
CA LEU B 114 20.68 -14.99 13.63
C LEU B 114 20.72 -15.24 15.14
N PRO B 115 21.16 -16.51 15.46
CA PRO B 115 21.30 -16.96 16.88
C PRO B 115 22.09 -16.02 17.75
N LYS B 116 23.13 -15.35 17.31
CA LYS B 116 23.72 -14.33 18.22
C LYS B 116 24.26 -13.06 17.51
N ALA B 117 24.41 -11.95 18.19
CA ALA B 117 24.94 -10.69 17.50
C ALA B 117 25.16 -9.58 18.49
N ARG B 118 26.28 -8.86 18.34
CA ARG B 118 26.56 -7.84 19.36
C ARG B 118 26.03 -6.47 18.85
N ARG B 119 25.85 -6.38 17.52
CA ARG B 119 25.52 -5.13 16.81
C ARG B 119 24.64 -5.52 15.66
N ILE B 120 23.38 -5.11 15.77
CA ILE B 120 22.44 -5.34 14.65
C ILE B 120 21.94 -4.04 13.96
N GLY B 121 21.90 -4.17 12.60
CA GLY B 121 21.43 -3.06 11.63
C GLY B 121 19.88 -3.16 11.50
N ILE B 122 19.28 -2.09 11.85
CA ILE B 122 17.84 -1.95 11.62
C ILE B 122 17.53 -0.62 10.88
N GLU B 123 16.30 -0.54 10.22
CA GLU B 123 15.73 0.67 9.50
C GLU B 123 14.99 1.58 10.51
N HIS B 124 15.70 2.56 11.04
CA HIS B 124 15.05 3.49 11.89
C HIS B 124 13.83 4.22 11.31
N ASP B 125 13.83 4.28 10.03
CA ASP B 125 12.73 4.95 9.43
C ASP B 125 11.73 3.92 8.98
N HIS B 126 11.71 2.77 9.59
CA HIS B 126 10.65 1.90 9.11
C HIS B 126 10.12 0.97 10.22
N LEU B 127 11.10 0.43 11.02
CA LEU B 127 10.77 -0.33 12.22
C LEU B 127 10.00 0.49 13.24
N ASN B 128 8.87 -0.03 13.79
CA ASN B 128 8.05 0.67 14.83
C ASN B 128 8.45 0.30 16.24
N LEU B 129 7.93 1.03 17.19
CA LEU B 129 8.33 0.94 18.66
C LEU B 129 8.05 -0.47 19.13
N GLN B 130 6.88 -0.98 18.84
CA GLN B 130 6.51 -2.27 19.41
C GLN B 130 7.46 -3.30 18.88
N ASN B 131 7.79 -3.21 17.64
CA ASN B 131 8.70 -4.29 17.09
C ASN B 131 10.12 -4.12 17.50
N ARG B 132 10.41 -2.90 17.77
CA ARG B 132 11.76 -2.71 18.22
C ARG B 132 11.90 -3.19 19.67
N ASP B 133 10.89 -2.91 20.54
CA ASP B 133 10.89 -3.45 21.87
C ASP B 133 11.05 -4.96 21.89
N LYS B 134 10.48 -5.51 20.90
CA LYS B 134 10.46 -6.96 20.75
C LYS B 134 11.78 -7.57 20.50
N LEU B 135 12.50 -6.96 19.64
CA LEU B 135 13.75 -7.44 19.05
C LEU B 135 14.89 -7.12 20.03
N ALA B 136 14.74 -6.03 20.63
CA ALA B 136 15.66 -5.82 21.69
C ALA B 136 15.63 -6.83 22.87
N ALA B 137 14.49 -7.47 23.07
CA ALA B 137 14.33 -8.35 24.26
C ALA B 137 14.73 -9.82 23.93
N ARG B 138 14.72 -10.17 22.64
CA ARG B 138 15.39 -11.35 22.04
C ARG B 138 16.94 -11.12 22.04
N TYR B 139 17.38 -9.85 22.15
CA TYR B 139 18.87 -9.70 22.09
C TYR B 139 19.32 -8.63 23.04
N PRO B 140 19.14 -8.76 24.32
CA PRO B 140 19.26 -7.61 25.24
C PRO B 140 20.66 -6.98 25.23
N ASP B 141 21.69 -7.82 24.78
CA ASP B 141 23.06 -7.47 24.70
C ASP B 141 23.20 -6.62 23.45
N ALA B 142 22.57 -7.00 22.35
CA ALA B 142 22.94 -6.31 21.06
C ALA B 142 22.78 -4.79 21.19
N GLU B 143 23.63 -4.13 20.49
CA GLU B 143 23.47 -2.73 20.06
C GLU B 143 22.63 -2.58 18.80
N LEU B 144 21.58 -1.80 18.81
CA LEU B 144 20.78 -1.78 17.57
C LEU B 144 21.09 -0.42 16.90
N VAL B 145 21.40 -0.36 15.63
CA VAL B 145 22.06 0.73 14.98
C VAL B 145 21.28 0.92 13.66
N ASP B 146 21.19 2.20 13.20
CA ASP B 146 20.54 2.43 11.91
C ASP B 146 21.22 1.94 10.63
N VAL B 147 20.50 1.42 9.74
CA VAL B 147 21.33 1.29 8.62
C VAL B 147 20.72 2.02 7.37
N ALA B 148 19.48 2.55 7.70
CA ALA B 148 18.59 2.89 6.54
C ALA B 148 19.30 3.98 5.76
N ALA B 149 19.86 4.93 6.48
CA ALA B 149 20.49 6.13 5.81
C ALA B 149 21.62 5.85 4.83
N ALA B 150 22.40 4.79 5.17
CA ALA B 150 23.60 4.29 4.48
C ALA B 150 23.15 3.47 3.30
N CYS B 151 21.95 2.72 3.55
CA CYS B 151 21.41 1.98 2.38
C CYS B 151 20.64 2.87 1.48
N MET B 152 20.12 4.00 2.02
CA MET B 152 19.52 4.85 0.97
C MET B 152 20.48 5.54 0.01
N ARG B 153 21.67 5.87 0.52
CA ARG B 153 22.54 6.54 -0.36
C ARG B 153 23.18 5.46 -1.15
N MET B 154 23.07 4.21 -0.83
CA MET B 154 23.56 3.30 -1.84
C MET B 154 22.52 3.02 -2.92
N ARG B 155 21.24 3.14 -2.64
CA ARG B 155 20.29 2.95 -3.73
C ARG B 155 20.15 4.19 -4.61
N MET B 156 20.53 5.36 -4.11
CA MET B 156 20.49 6.65 -4.82
C MET B 156 21.23 6.48 -6.18
N ILE B 157 22.22 5.56 -6.29
CA ILE B 157 22.80 5.59 -7.62
C ILE B 157 22.35 4.33 -8.35
N LYS B 158 21.87 4.51 -9.58
CA LYS B 158 21.32 3.38 -10.33
C LYS B 158 22.39 2.54 -11.08
N SER B 159 22.08 1.28 -11.21
CA SER B 159 22.90 0.46 -12.14
C SER B 159 22.37 0.64 -13.55
N ALA B 160 23.22 0.35 -14.52
CA ALA B 160 22.82 0.18 -15.87
C ALA B 160 21.57 -0.69 -16.08
N GLU B 161 21.59 -1.94 -15.39
CA GLU B 161 20.37 -2.84 -15.47
C GLU B 161 19.16 -2.14 -14.89
N GLU B 162 19.31 -1.29 -13.82
CA GLU B 162 18.26 -0.47 -13.20
C GLU B 162 17.74 0.61 -14.16
N HIS B 163 18.69 1.12 -14.93
CA HIS B 163 18.34 2.12 -15.93
C HIS B 163 17.52 1.57 -17.06
N VAL B 164 17.96 0.31 -17.53
CA VAL B 164 17.11 -0.37 -18.53
C VAL B 164 15.74 -0.67 -18.03
N MET B 165 15.61 -1.03 -16.75
CA MET B 165 14.22 -1.34 -16.32
C MET B 165 13.37 0.00 -16.19
N ILE B 166 14.00 1.06 -15.75
CA ILE B 166 13.32 2.34 -15.66
C ILE B 166 12.96 2.93 -17.04
N ARG B 167 13.76 2.59 -18.07
CA ARG B 167 13.37 2.86 -19.46
C ARG B 167 12.14 2.09 -19.94
N HIS B 168 12.16 0.81 -19.63
CA HIS B 168 10.96 0.07 -20.04
C HIS B 168 9.77 0.62 -19.28
N GLY B 169 9.96 0.97 -18.00
CA GLY B 169 8.72 1.46 -17.24
C GLY B 169 8.26 2.81 -17.82
N ALA B 170 9.13 3.71 -18.07
CA ALA B 170 8.74 5.00 -18.79
C ALA B 170 8.12 4.80 -20.20
N ARG B 171 8.54 3.74 -20.96
CA ARG B 171 7.83 3.36 -22.12
C ARG B 171 6.38 2.90 -21.79
N ILE B 172 6.13 2.06 -20.79
CA ILE B 172 4.81 1.63 -20.41
C ILE B 172 3.89 2.79 -19.95
N ALA B 173 4.46 3.76 -19.17
CA ALA B 173 3.78 5.00 -18.59
C ALA B 173 3.40 5.91 -19.76
N ASP B 174 4.29 5.92 -20.79
CA ASP B 174 3.85 6.38 -22.10
C ASP B 174 2.67 5.66 -22.70
N ILE B 175 2.61 4.34 -22.75
CA ILE B 175 1.42 3.71 -23.22
C ILE B 175 0.21 4.06 -22.34
N GLY B 176 0.33 4.21 -21.04
CA GLY B 176 -0.93 4.39 -20.21
C GLY B 176 -1.46 5.84 -20.48
N GLY B 177 -0.42 6.64 -20.87
CA GLY B 177 -0.74 8.04 -21.46
C GLY B 177 -1.63 8.10 -22.69
N ALA B 178 -1.28 7.38 -23.65
CA ALA B 178 -2.03 7.18 -24.81
C ALA B 178 -3.41 6.53 -24.58
N ALA B 179 -3.48 5.54 -23.61
CA ALA B 179 -4.78 4.92 -23.34
C ALA B 179 -5.65 5.93 -22.50
N VAL B 180 -5.04 6.93 -21.85
CA VAL B 180 -5.86 7.99 -21.19
C VAL B 180 -6.56 8.79 -22.26
N VAL B 181 -5.72 9.02 -23.25
CA VAL B 181 -6.27 9.92 -24.25
C VAL B 181 -7.35 9.27 -25.08
N GLU B 182 -7.19 8.02 -25.37
CA GLU B 182 -8.22 7.32 -26.05
C GLU B 182 -9.56 7.24 -25.30
N ALA B 183 -9.45 6.97 -24.07
CA ALA B 183 -10.64 6.80 -23.26
C ALA B 183 -11.33 8.16 -23.08
N LEU B 184 -10.56 9.23 -23.30
CA LEU B 184 -10.98 10.58 -22.82
C LEU B 184 -12.10 11.18 -23.73
N GLY B 185 -13.22 11.61 -23.16
CA GLY B 185 -14.54 11.76 -23.79
C GLY B 185 -15.36 12.69 -22.87
N ASP B 186 -16.05 13.65 -23.45
CA ASP B 186 -17.01 14.50 -22.68
C ASP B 186 -18.06 13.60 -22.04
N GLN B 187 -18.23 13.98 -20.72
CA GLN B 187 -19.07 13.24 -19.68
C GLN B 187 -18.49 11.91 -19.22
N VAL B 188 -17.23 11.65 -19.58
CA VAL B 188 -16.55 10.42 -19.01
C VAL B 188 -16.26 10.64 -17.55
N PRO B 189 -16.77 9.73 -16.69
CA PRO B 189 -16.25 9.63 -15.26
C PRO B 189 -14.72 9.31 -15.21
N GLU B 190 -14.07 9.90 -14.21
CA GLU B 190 -12.63 9.81 -13.95
C GLU B 190 -12.18 8.33 -13.88
N TYR B 191 -13.04 7.51 -13.28
CA TYR B 191 -12.66 6.04 -12.95
C TYR B 191 -12.62 5.14 -14.18
N GLU B 192 -13.40 5.59 -15.25
CA GLU B 192 -13.42 4.90 -16.59
C GLU B 192 -12.09 5.11 -17.25
N VAL B 193 -11.64 6.28 -17.18
CA VAL B 193 -10.41 6.48 -17.89
C VAL B 193 -9.27 5.74 -17.14
N ALA B 194 -9.26 5.89 -15.76
CA ALA B 194 -8.21 5.30 -14.81
C ALA B 194 -8.19 3.77 -14.97
N LEU B 195 -9.36 3.08 -15.16
CA LEU B 195 -9.45 1.64 -15.46
C LEU B 195 -8.87 1.41 -16.83
N HIS B 196 -9.16 2.32 -17.75
CA HIS B 196 -8.68 2.03 -19.08
C HIS B 196 -7.15 2.07 -19.18
N ALA B 197 -6.58 3.09 -18.50
CA ALA B 197 -5.10 3.33 -18.73
C ALA B 197 -4.37 2.19 -17.94
N THR B 198 -4.96 1.79 -16.77
CA THR B 198 -4.43 0.67 -15.91
C THR B 198 -4.40 -0.57 -16.68
N GLN B 199 -5.44 -0.90 -17.38
CA GLN B 199 -5.44 -2.17 -18.12
C GLN B 199 -4.40 -2.19 -19.26
N ALA B 200 -4.18 -1.06 -19.91
CA ALA B 200 -3.27 -0.87 -21.02
C ALA B 200 -1.89 -1.05 -20.42
N MET B 201 -1.58 -0.54 -19.21
CA MET B 201 -0.19 -0.76 -18.77
C MET B 201 0.10 -2.14 -18.14
N VAL B 202 -0.85 -2.77 -17.39
CA VAL B 202 -0.65 -4.13 -16.77
C VAL B 202 -0.39 -5.10 -17.94
N ARG B 203 -1.17 -4.75 -18.95
CA ARG B 203 -1.11 -5.62 -20.11
C ARG B 203 0.18 -5.41 -20.98
N ALA B 204 0.96 -4.39 -20.78
CA ALA B 204 2.24 -4.30 -21.53
C ALA B 204 3.32 -4.83 -20.63
N ILE B 205 3.02 -4.71 -19.28
CA ILE B 205 4.07 -5.26 -18.41
C ILE B 205 4.16 -6.77 -18.67
N ALA B 206 3.02 -7.44 -18.64
CA ALA B 206 2.73 -8.88 -18.86
C ALA B 206 3.42 -9.35 -20.12
N ASP B 207 3.43 -8.41 -21.04
CA ASP B 207 3.99 -8.58 -22.38
C ASP B 207 5.53 -8.54 -22.50
N THR B 208 6.11 -7.61 -21.74
CA THR B 208 7.52 -7.35 -21.82
C THR B 208 8.32 -8.33 -20.94
N PHE B 209 7.77 -8.64 -19.77
CA PHE B 209 8.42 -9.60 -18.80
C PHE B 209 7.78 -11.00 -18.75
N GLU B 210 8.53 -12.06 -18.62
CA GLU B 210 7.77 -13.33 -18.49
C GLU B 210 7.51 -13.80 -17.07
N ASP B 211 8.53 -13.82 -16.22
CA ASP B 211 8.41 -14.28 -14.82
C ASP B 211 7.99 -13.14 -13.89
N VAL B 212 7.28 -12.22 -14.46
CA VAL B 212 6.72 -10.94 -13.77
C VAL B 212 5.41 -11.21 -12.95
N GLU B 213 5.46 -10.66 -11.75
CA GLU B 213 4.25 -10.41 -10.95
C GLU B 213 3.60 -9.06 -11.32
N LEU B 214 2.34 -9.15 -11.61
CA LEU B 214 1.47 -7.97 -11.96
C LEU B 214 0.78 -7.47 -10.70
N MET B 215 1.41 -6.47 -10.18
CA MET B 215 0.95 -5.72 -8.92
C MET B 215 1.10 -4.21 -9.10
N ASP B 216 0.14 -3.83 -8.33
CA ASP B 216 -0.15 -2.46 -7.82
C ASP B 216 -0.15 -1.30 -8.87
N THR B 217 0.23 -1.60 -10.11
CA THR B 217 0.18 -0.54 -11.22
C THR B 217 -1.16 0.28 -11.13
N TRP B 218 -1.08 1.69 -11.29
CA TRP B 218 -2.32 2.52 -11.17
C TRP B 218 -2.26 3.81 -12.01
N THR B 219 -3.47 4.49 -11.99
CA THR B 219 -3.73 5.73 -12.78
C THR B 219 -4.47 6.72 -11.90
N TRP B 220 -3.91 7.90 -11.77
CA TRP B 220 -4.77 8.85 -11.16
C TRP B 220 -5.17 9.81 -12.31
N PHE B 221 -6.47 9.96 -12.64
CA PHE B 221 -6.90 10.87 -13.71
C PHE B 221 -7.75 11.87 -12.92
N GLN B 222 -7.24 13.01 -12.83
CA GLN B 222 -7.92 14.05 -12.11
C GLN B 222 -8.49 15.26 -12.94
N SER B 223 -9.64 15.83 -12.52
CA SER B 223 -10.41 16.72 -13.34
C SER B 223 -11.01 17.81 -12.47
N GLY B 224 -10.79 19.00 -12.93
CA GLY B 224 -11.50 20.09 -12.38
C GLY B 224 -11.03 20.29 -10.96
N ILE B 225 -11.92 20.24 -9.91
CA ILE B 225 -11.28 20.53 -8.54
C ILE B 225 -10.22 19.45 -8.10
N ASN B 226 -10.52 18.32 -8.61
CA ASN B 226 -9.82 17.08 -8.17
C ASN B 226 -8.35 17.11 -8.67
N THR B 227 -7.90 18.06 -9.50
CA THR B 227 -6.50 18.31 -9.92
C THR B 227 -5.84 19.16 -8.85
N ASP B 228 -6.58 19.55 -7.75
CA ASP B 228 -5.91 20.39 -6.67
C ASP B 228 -4.91 19.71 -5.75
N GLY B 229 -4.80 18.42 -5.92
CA GLY B 229 -3.86 17.56 -5.12
C GLY B 229 -3.23 16.51 -6.01
N ALA B 230 -1.87 16.50 -6.04
CA ALA B 230 -1.18 15.65 -7.05
C ALA B 230 -1.40 14.13 -6.79
N HIS B 231 -1.72 13.78 -5.45
CA HIS B 231 -2.19 12.34 -5.27
C HIS B 231 -3.66 12.09 -4.93
N ASN B 232 -4.56 12.99 -5.27
CA ASN B 232 -5.98 12.80 -5.00
C ASN B 232 -6.55 11.63 -5.73
N PRO B 233 -7.22 10.77 -4.93
CA PRO B 233 -7.87 9.51 -5.42
C PRO B 233 -8.90 9.77 -6.52
N VAL B 234 -9.05 8.77 -7.37
CA VAL B 234 -10.07 8.76 -8.44
C VAL B 234 -11.49 8.94 -7.87
N THR B 235 -12.40 9.78 -8.49
CA THR B 235 -13.73 9.98 -8.00
C THR B 235 -14.68 9.70 -9.17
N THR B 236 -15.95 9.92 -8.95
CA THR B 236 -16.98 9.67 -10.04
C THR B 236 -17.23 10.87 -11.02
N ARG B 237 -16.56 11.95 -10.75
CA ARG B 237 -16.55 13.19 -11.52
C ARG B 237 -16.50 13.00 -13.00
N LYS B 238 -17.56 13.58 -13.66
CA LYS B 238 -17.65 13.62 -15.12
C LYS B 238 -16.85 14.80 -15.66
N VAL B 239 -16.11 14.41 -16.69
CA VAL B 239 -15.28 15.41 -17.40
C VAL B 239 -16.22 16.24 -18.35
N ASN B 240 -16.02 17.54 -18.21
CA ASN B 240 -16.64 18.47 -19.12
C ASN B 240 -15.59 19.05 -20.05
N LYS B 241 -16.03 19.62 -21.16
CA LYS B 241 -15.11 20.31 -22.07
C LYS B 241 -14.47 21.55 -21.48
N GLY B 242 -13.12 21.63 -21.43
CA GLY B 242 -12.58 22.97 -21.01
C GLY B 242 -12.10 22.84 -19.61
N ASP B 243 -12.57 21.74 -18.94
CA ASP B 243 -12.03 21.53 -17.55
C ASP B 243 -10.49 21.19 -17.52
N ILE B 244 -9.82 21.67 -16.60
CA ILE B 244 -8.47 21.26 -16.36
C ILE B 244 -8.41 19.76 -15.90
N LEU B 245 -7.56 19.00 -16.60
CA LEU B 245 -7.37 17.57 -16.33
C LEU B 245 -5.92 17.22 -15.99
N SER B 246 -5.78 16.16 -15.15
CA SER B 246 -4.33 15.67 -14.82
C SER B 246 -4.24 14.17 -15.10
N LEU B 247 -3.39 13.75 -15.98
CA LEU B 247 -3.08 12.34 -16.39
C LEU B 247 -1.86 11.86 -15.60
N ASN B 248 -2.02 10.75 -14.81
CA ASN B 248 -0.83 10.34 -14.01
C ASN B 248 -0.78 8.87 -14.07
N CYS B 249 0.15 8.30 -14.73
CA CYS B 249 0.18 6.85 -14.89
C CYS B 249 1.43 6.15 -14.29
N PHE B 250 1.18 5.11 -13.46
CA PHE B 250 2.30 4.59 -12.71
C PHE B 250 2.48 3.07 -12.88
N PRO B 251 3.28 2.60 -13.88
CA PRO B 251 3.52 1.13 -13.94
C PRO B 251 4.36 0.78 -12.71
N MET B 252 4.06 -0.30 -12.07
CA MET B 252 4.88 -0.80 -10.97
C MET B 252 5.55 -2.10 -11.42
N ILE B 253 6.77 -2.19 -11.66
CA ILE B 253 7.43 -3.42 -12.16
C ILE B 253 8.42 -3.85 -11.13
N ALA B 254 8.06 -5.03 -10.60
CA ALA B 254 8.98 -5.65 -9.71
C ALA B 254 9.38 -4.74 -8.55
N GLY B 255 8.43 -3.81 -8.08
CA GLY B 255 8.87 -2.90 -7.07
C GLY B 255 9.45 -1.62 -7.62
N TYR B 256 9.59 -1.56 -8.93
CA TYR B 256 10.17 -0.38 -9.58
C TYR B 256 9.12 0.62 -10.12
N TYR B 257 9.20 1.77 -9.67
CA TYR B 257 8.18 2.76 -9.94
C TYR B 257 8.65 3.62 -11.11
N THR B 258 7.80 3.90 -12.03
CA THR B 258 8.00 5.12 -12.96
C THR B 258 6.63 5.79 -13.17
N ALA B 259 6.70 7.03 -13.66
CA ALA B 259 5.50 7.91 -13.67
C ALA B 259 5.47 8.74 -14.95
N LEU B 260 4.32 9.03 -15.52
CA LEU B 260 3.95 10.02 -16.51
C LEU B 260 2.81 10.90 -15.96
N GLU B 261 3.00 12.20 -15.80
CA GLU B 261 2.01 13.14 -15.33
C GLU B 261 2.00 14.32 -16.37
N ARG B 262 0.84 14.81 -16.63
CA ARG B 262 0.68 15.59 -17.88
C ARG B 262 -0.59 16.45 -17.63
N THR B 263 -0.50 17.83 -17.64
CA THR B 263 -1.75 18.61 -17.92
C THR B 263 -2.26 18.35 -19.33
N LEU B 264 -3.57 18.19 -19.42
CA LEU B 264 -4.43 18.08 -20.60
C LEU B 264 -5.72 18.85 -20.38
N PHE B 265 -6.39 19.16 -21.48
CA PHE B 265 -7.71 19.84 -21.58
C PHE B 265 -8.51 19.17 -22.64
N LEU B 266 -9.79 18.90 -22.37
CA LEU B 266 -10.74 18.38 -23.44
C LEU B 266 -11.47 19.54 -24.19
N ASP B 267 -11.44 19.51 -25.47
CA ASP B 267 -11.97 20.51 -26.38
C ASP B 267 -11.22 21.83 -26.43
N HIS B 268 -10.96 22.47 -25.31
CA HIS B 268 -10.37 23.77 -25.35
C HIS B 268 -9.74 24.01 -24.00
N CYS B 269 -9.03 25.03 -23.95
CA CYS B 269 -8.55 25.56 -22.71
C CYS B 269 -8.73 27.09 -22.80
N SER B 270 -9.09 27.79 -21.76
CA SER B 270 -9.30 29.20 -21.79
C SER B 270 -7.94 29.86 -21.59
N ASP B 271 -7.93 31.17 -21.88
CA ASP B 271 -6.66 31.88 -21.87
C ASP B 271 -6.23 32.21 -20.43
N ASP B 272 -7.18 32.22 -19.48
CA ASP B 272 -6.65 32.22 -18.08
C ASP B 272 -5.96 30.89 -17.65
N HIS B 273 -6.47 29.87 -18.18
CA HIS B 273 -5.80 28.54 -18.05
C HIS B 273 -4.47 28.48 -18.87
N LEU B 274 -4.54 28.80 -20.17
CA LEU B 274 -3.39 28.65 -21.12
C LEU B 274 -2.21 29.44 -20.67
N ARG B 275 -2.43 30.62 -20.13
CA ARG B 275 -1.31 31.38 -19.74
C ARG B 275 -0.63 30.85 -18.47
N LEU B 276 -1.40 30.21 -17.57
CA LEU B 276 -0.70 29.55 -16.34
C LEU B 276 -0.05 28.22 -16.74
N TRP B 277 -0.72 27.41 -17.59
CA TRP B 277 -0.10 26.23 -18.23
C TRP B 277 1.23 26.67 -18.94
N GLN B 278 1.24 27.87 -19.62
CA GLN B 278 2.47 28.22 -20.37
C GLN B 278 3.50 28.67 -19.35
N VAL B 279 3.14 29.23 -18.16
CA VAL B 279 4.23 29.46 -17.14
C VAL B 279 4.73 28.10 -16.56
N ASN B 280 3.87 27.21 -16.27
CA ASN B 280 4.32 25.92 -15.79
C ASN B 280 5.21 25.09 -16.77
N VAL B 281 4.95 25.23 -18.03
CA VAL B 281 5.81 24.60 -19.07
C VAL B 281 7.10 25.31 -19.25
N GLU B 282 7.13 26.60 -18.97
CA GLU B 282 8.40 27.26 -19.16
C GLU B 282 9.37 26.84 -18.02
N VAL B 283 8.87 26.68 -16.78
CA VAL B 283 9.72 26.27 -15.60
C VAL B 283 10.16 24.82 -15.82
N HIS B 284 9.15 24.02 -16.39
CA HIS B 284 9.49 22.55 -16.74
C HIS B 284 10.66 22.49 -17.78
N GLU B 285 10.60 23.21 -18.93
CA GLU B 285 11.71 23.31 -19.86
C GLU B 285 13.02 23.81 -19.26
N ALA B 286 12.90 24.85 -18.42
CA ALA B 286 14.09 25.27 -17.65
C ALA B 286 14.80 24.18 -16.76
N GLY B 287 13.96 23.56 -15.94
CA GLY B 287 14.52 22.47 -15.10
C GLY B 287 15.04 21.32 -15.96
N LEU B 288 14.59 21.14 -17.14
CA LEU B 288 15.16 20.05 -17.87
C LEU B 288 16.67 20.29 -18.10
N LYS B 289 17.00 21.62 -18.28
CA LYS B 289 18.39 21.93 -18.62
C LYS B 289 19.20 22.01 -17.33
N LEU B 290 18.49 22.08 -16.23
CA LEU B 290 19.21 22.23 -15.01
C LEU B 290 19.59 20.86 -14.51
N ILE B 291 19.15 19.84 -15.17
CA ILE B 291 19.54 18.52 -14.55
C ILE B 291 20.85 17.92 -15.11
N LYS B 292 21.88 18.11 -14.32
CA LYS B 292 23.24 17.88 -14.86
C LYS B 292 24.10 17.37 -13.69
N PRO B 293 25.11 16.64 -13.99
CA PRO B 293 26.04 16.27 -12.94
C PRO B 293 26.64 17.48 -12.26
N GLY B 294 26.84 17.45 -10.98
CA GLY B 294 27.48 18.68 -10.46
C GLY B 294 26.49 19.75 -10.01
N ALA B 295 25.22 19.64 -10.44
CA ALA B 295 24.13 20.45 -9.92
C ALA B 295 23.67 20.04 -8.52
N ARG B 296 23.60 20.99 -7.69
CA ARG B 296 23.02 20.81 -6.35
C ARG B 296 21.52 21.01 -6.13
N CYS B 297 20.93 20.07 -5.34
CA CYS B 297 19.40 20.13 -5.41
C CYS B 297 18.81 21.50 -5.02
N SER B 298 19.28 21.97 -3.96
CA SER B 298 18.90 23.20 -3.39
C SER B 298 18.90 24.24 -4.54
N ASP B 299 20.01 24.32 -5.36
CA ASP B 299 20.15 25.43 -6.31
C ASP B 299 19.16 25.36 -7.46
N ILE B 300 18.93 24.11 -7.91
CA ILE B 300 17.88 23.88 -8.99
C ILE B 300 16.56 24.51 -8.57
N ALA B 301 16.21 24.38 -7.29
CA ALA B 301 15.00 24.89 -6.71
C ALA B 301 15.00 26.40 -6.84
N ARG B 302 16.06 27.15 -6.48
CA ARG B 302 16.03 28.57 -6.26
C ARG B 302 16.07 29.24 -7.60
N GLU B 303 16.77 28.60 -8.50
CA GLU B 303 16.88 28.95 -9.91
C GLU B 303 15.52 28.97 -10.59
N LEU B 304 14.74 27.91 -10.25
CA LEU B 304 13.47 27.70 -10.84
C LEU B 304 12.43 28.60 -10.18
N ASN B 305 12.50 28.72 -8.87
CA ASN B 305 11.61 29.67 -8.15
C ASN B 305 11.67 31.13 -8.68
N GLU B 306 12.83 31.54 -9.29
CA GLU B 306 12.92 32.88 -9.79
C GLU B 306 12.02 33.05 -11.00
N ILE B 307 11.88 31.95 -11.76
CA ILE B 307 10.96 32.02 -12.92
C ILE B 307 9.50 32.17 -12.51
N PHE B 308 9.08 31.40 -11.47
CA PHE B 308 7.75 31.55 -11.04
C PHE B 308 7.59 32.91 -10.33
N LEU B 309 8.58 33.34 -9.57
CA LEU B 309 8.45 34.73 -9.03
C LEU B 309 8.30 35.83 -10.09
N LYS B 310 9.02 35.65 -11.21
CA LYS B 310 8.85 36.57 -12.36
C LYS B 310 7.43 36.61 -12.84
N HIS B 311 6.62 35.65 -12.37
CA HIS B 311 5.46 35.66 -13.09
C HIS B 311 4.38 35.77 -12.08
N ASP B 312 4.79 36.08 -10.89
CA ASP B 312 3.86 36.23 -9.77
C ASP B 312 3.03 35.00 -9.37
N VAL B 313 3.59 33.85 -9.46
CA VAL B 313 2.84 32.68 -9.03
C VAL B 313 3.72 31.88 -8.12
N LEU B 314 4.85 32.38 -7.75
CA LEU B 314 5.62 31.43 -6.94
C LEU B 314 4.83 30.91 -5.69
N GLN B 315 3.90 31.70 -5.23
CA GLN B 315 3.08 31.29 -4.07
C GLN B 315 2.07 30.19 -4.39
N TYR B 316 2.02 29.83 -5.72
CA TYR B 316 0.97 28.89 -6.06
C TYR B 316 1.57 27.52 -5.89
N ARG B 317 2.78 27.63 -5.56
CA ARG B 317 3.38 26.35 -5.69
C ARG B 317 3.11 25.42 -4.51
N THR B 318 3.11 24.06 -4.80
CA THR B 318 2.68 23.09 -3.83
C THR B 318 3.65 21.98 -3.33
N PHE B 319 4.81 21.74 -3.96
CA PHE B 319 5.68 20.51 -3.46
C PHE B 319 7.06 20.61 -4.18
N GLY B 320 8.10 19.90 -3.74
CA GLY B 320 9.46 19.88 -4.38
C GLY B 320 9.44 19.63 -5.90
N TYR B 321 10.45 20.04 -6.60
CA TYR B 321 10.50 19.93 -8.08
C TYR B 321 10.67 18.44 -8.54
N GLY B 322 10.99 17.44 -7.71
CA GLY B 322 11.38 16.17 -8.27
C GLY B 322 11.96 15.36 -7.11
N HIS B 323 12.11 14.05 -7.38
CA HIS B 323 12.50 13.14 -6.29
C HIS B 323 13.30 12.02 -6.94
N SER B 324 13.71 11.07 -6.12
CA SER B 324 14.45 9.92 -6.74
C SER B 324 13.55 8.72 -7.12
N PHE B 325 14.02 8.01 -8.14
CA PHE B 325 13.37 6.72 -8.62
C PHE B 325 14.00 5.46 -8.05
N GLY B 326 13.72 4.24 -8.65
CA GLY B 326 14.32 3.09 -7.91
C GLY B 326 13.13 2.21 -7.47
N THR B 327 13.28 1.49 -6.35
CA THR B 327 12.24 0.62 -5.88
C THR B 327 11.51 1.42 -4.82
N LEU B 328 10.32 1.80 -5.23
CA LEU B 328 9.46 2.70 -4.30
C LEU B 328 8.01 2.63 -4.89
N SER B 329 6.96 3.17 -4.13
CA SER B 329 5.59 3.22 -4.54
C SER B 329 4.98 4.37 -3.78
N HIS B 330 3.68 4.34 -3.79
CA HIS B 330 3.00 5.30 -2.91
C HIS B 330 3.08 4.83 -1.47
N TYR B 331 3.31 3.49 -1.31
CA TYR B 331 3.26 2.94 0.09
C TYR B 331 4.64 2.53 0.66
N TYR B 332 5.65 2.53 -0.19
CA TYR B 332 7.05 2.13 0.28
C TYR B 332 8.13 2.97 -0.44
N GLY B 333 9.30 2.98 0.17
CA GLY B 333 10.49 3.42 -0.59
C GLY B 333 10.76 4.94 -0.47
N ARG B 334 11.52 5.46 -1.46
CA ARG B 334 11.85 6.93 -1.61
C ARG B 334 13.14 7.30 -0.84
N GLU B 335 14.06 7.89 -1.54
CA GLU B 335 15.36 8.32 -1.02
C GLU B 335 15.30 9.81 -0.76
N ALA B 336 15.08 10.00 0.48
CA ALA B 336 14.93 11.32 1.04
C ALA B 336 16.16 12.25 0.77
N GLY B 337 17.38 11.69 0.53
CA GLY B 337 18.57 12.52 0.23
C GLY B 337 18.27 13.35 -1.03
N LEU B 338 17.68 12.62 -1.89
CA LEU B 338 17.36 12.71 -3.26
C LEU B 338 16.18 13.57 -3.58
N GLU B 339 16.01 14.75 -3.02
CA GLU B 339 14.77 15.49 -3.30
C GLU B 339 15.10 16.89 -3.84
N LEU B 340 14.40 17.40 -4.80
CA LEU B 340 14.64 18.75 -5.35
C LEU B 340 13.92 19.83 -4.51
N ARG B 341 14.51 20.10 -3.31
CA ARG B 341 13.89 21.08 -2.33
C ARG B 341 14.98 22.00 -1.84
N GLU B 342 14.52 23.16 -1.50
CA GLU B 342 15.26 24.42 -1.18
C GLU B 342 16.35 24.27 -0.16
N ASP B 343 16.29 23.23 0.75
CA ASP B 343 17.39 23.03 1.72
C ASP B 343 18.16 21.73 1.50
N ILE B 344 18.03 21.03 0.33
CA ILE B 344 18.74 19.80 0.07
C ILE B 344 19.96 20.11 -0.83
N ASP B 345 21.11 20.00 -0.21
CA ASP B 345 22.41 20.39 -0.81
C ASP B 345 23.08 19.26 -1.57
N THR B 346 22.37 18.15 -1.71
CA THR B 346 22.78 17.05 -2.55
C THR B 346 23.21 17.40 -3.99
N VAL B 347 24.37 16.86 -4.43
CA VAL B 347 24.83 17.13 -5.80
C VAL B 347 24.44 15.90 -6.64
N LEU B 348 23.92 16.22 -7.78
CA LEU B 348 23.66 15.16 -8.72
C LEU B 348 24.96 14.63 -9.29
N GLU B 349 24.87 13.27 -9.35
CA GLU B 349 25.93 12.48 -9.98
C GLU B 349 25.38 11.56 -11.06
N PRO B 350 26.21 11.32 -12.04
CA PRO B 350 25.95 10.16 -12.91
C PRO B 350 25.36 8.92 -12.26
N GLY B 351 24.19 8.50 -12.85
CA GLY B 351 23.57 7.28 -12.35
C GLY B 351 22.27 7.50 -11.58
N MET B 352 22.26 8.63 -10.98
CA MET B 352 20.98 9.08 -10.31
C MET B 352 19.79 9.15 -11.26
N VAL B 353 18.62 8.98 -10.81
CA VAL B 353 17.41 9.12 -11.67
C VAL B 353 16.44 9.95 -10.83
N VAL B 354 16.20 11.15 -11.34
CA VAL B 354 15.48 12.20 -10.71
C VAL B 354 14.28 12.58 -11.58
N SER B 355 13.24 13.13 -10.99
CA SER B 355 12.21 13.73 -11.90
C SER B 355 12.42 15.27 -12.00
N MET B 356 11.75 15.73 -13.00
CA MET B 356 11.43 17.12 -13.08
C MET B 356 9.90 17.28 -13.21
N GLU B 357 9.24 17.94 -12.25
CA GLU B 357 7.80 17.87 -11.99
C GLU B 357 7.44 19.13 -11.23
N PRO B 358 7.52 20.31 -11.96
CA PRO B 358 6.83 21.60 -11.51
C PRO B 358 5.31 21.57 -11.52
N MET B 359 4.86 22.17 -10.49
CA MET B 359 3.43 22.23 -10.19
C MET B 359 3.08 23.60 -9.65
N ILE B 360 1.97 24.09 -10.23
CA ILE B 360 1.38 25.23 -9.51
C ILE B 360 -0.09 24.92 -9.26
N MET B 361 -0.64 25.43 -8.19
CA MET B 361 -2.07 25.21 -7.98
C MET B 361 -2.77 26.55 -7.54
N LEU B 362 -3.86 26.77 -8.26
CA LEU B 362 -4.61 28.09 -8.00
C LEU B 362 -5.95 27.63 -7.42
N PRO B 363 -6.31 28.10 -6.30
CA PRO B 363 -7.61 27.75 -5.62
C PRO B 363 -8.76 28.19 -6.49
N GLU B 364 -9.76 27.50 -6.18
CA GLU B 364 -11.05 27.93 -6.63
C GLU B 364 -11.53 29.32 -6.16
N GLY B 365 -11.87 30.08 -7.18
CA GLY B 365 -12.00 31.50 -7.00
C GLY B 365 -11.40 32.18 -8.20
N LEU B 366 -10.00 31.97 -8.29
CA LEU B 366 -9.07 32.64 -9.19
C LEU B 366 -9.42 32.13 -10.56
N PRO B 367 -9.30 33.08 -11.51
CA PRO B 367 -9.15 32.67 -12.94
C PRO B 367 -8.02 31.66 -13.15
N GLY B 368 -8.30 30.59 -13.96
CA GLY B 368 -7.30 29.56 -14.24
C GLY B 368 -7.11 28.64 -13.00
N ALA B 369 -7.92 28.83 -11.85
CA ALA B 369 -8.03 27.93 -10.66
C ALA B 369 -7.85 26.47 -11.16
N GLY B 370 -6.91 25.75 -10.53
CA GLY B 370 -6.70 24.27 -10.83
C GLY B 370 -5.21 23.92 -10.68
N GLY B 371 -4.87 22.60 -10.71
CA GLY B 371 -3.55 22.17 -10.52
C GLY B 371 -3.02 21.97 -11.93
N TYR B 372 -1.75 22.42 -12.10
CA TYR B 372 -0.94 22.24 -13.34
C TYR B 372 0.33 21.50 -12.98
N ARG B 373 0.64 20.43 -13.75
CA ARG B 373 1.93 19.75 -13.44
C ARG B 373 2.38 18.84 -14.58
N GLU B 374 3.67 18.88 -14.80
CA GLU B 374 4.19 18.03 -15.87
C GLU B 374 5.27 17.17 -15.27
N HIS B 375 5.36 15.95 -15.67
CA HIS B 375 6.40 15.13 -14.93
C HIS B 375 7.29 14.35 -15.88
N ASP B 376 8.61 14.65 -15.89
CA ASP B 376 9.48 13.81 -16.70
C ASP B 376 10.45 13.12 -15.74
N ILE B 377 11.06 11.95 -16.37
CA ILE B 377 12.16 11.26 -15.64
C ILE B 377 13.45 11.43 -16.41
N LEU B 378 14.48 11.93 -15.71
CA LEU B 378 15.83 11.95 -16.31
C LEU B 378 16.78 10.98 -15.57
N ILE B 379 17.64 10.45 -16.38
CA ILE B 379 18.86 9.68 -15.98
C ILE B 379 20.11 10.57 -16.15
N VAL B 380 20.77 10.87 -14.99
CA VAL B 380 22.01 11.64 -14.92
C VAL B 380 23.22 10.90 -15.47
N ASN B 381 23.76 11.50 -16.57
CA ASN B 381 25.01 10.87 -17.10
C ASN B 381 26.11 11.90 -17.23
N GLU B 382 27.10 11.42 -17.99
CA GLU B 382 28.47 11.97 -18.11
C GLU B 382 28.45 13.51 -17.97
N ASN B 383 27.61 13.87 -18.90
CA ASN B 383 27.51 14.97 -19.72
C ASN B 383 26.21 15.70 -19.56
N GLY B 384 25.25 15.12 -18.90
CA GLY B 384 23.92 15.80 -18.70
C GLY B 384 22.98 14.74 -18.10
N ALA B 385 21.80 14.70 -18.69
CA ALA B 385 20.63 13.93 -18.26
C ALA B 385 20.03 13.51 -19.59
N GLU B 386 19.55 12.28 -19.56
CA GLU B 386 18.78 11.71 -20.71
C GLU B 386 17.32 11.70 -20.17
N ASN B 387 16.42 12.50 -20.84
CA ASN B 387 14.99 12.46 -20.48
C ASN B 387 14.31 11.32 -21.25
N ILE B 388 13.79 10.37 -20.48
CA ILE B 388 13.29 9.08 -20.98
C ILE B 388 11.81 9.20 -21.23
N THR B 389 11.21 10.35 -21.02
CA THR B 389 9.70 10.44 -21.12
C THR B 389 9.16 11.09 -22.43
N LYS B 390 8.46 10.37 -23.24
CA LYS B 390 8.38 10.87 -24.56
C LYS B 390 6.99 11.35 -24.91
N PHE B 391 6.10 11.21 -23.94
CA PHE B 391 4.83 11.74 -24.32
C PHE B 391 5.00 13.30 -24.29
N PRO B 392 4.30 13.93 -25.26
CA PRO B 392 4.31 15.38 -25.35
C PRO B 392 3.68 16.02 -24.09
N TYR B 393 4.31 17.20 -23.81
CA TYR B 393 3.71 18.14 -22.91
C TYR B 393 3.29 19.47 -23.53
N GLY B 394 2.33 20.09 -22.88
CA GLY B 394 1.94 21.43 -22.94
C GLY B 394 1.00 21.59 -24.12
N PRO B 395 0.60 22.86 -24.22
CA PRO B 395 -0.63 23.26 -24.97
C PRO B 395 -0.53 22.89 -26.46
N GLU B 396 0.72 22.75 -26.94
CA GLU B 396 0.78 22.47 -28.37
C GLU B 396 0.27 21.07 -28.75
N LYS B 397 0.19 20.24 -27.67
CA LYS B 397 -0.31 18.91 -27.93
C LYS B 397 -1.55 18.61 -27.10
N ASN B 398 -1.60 19.20 -25.88
CA ASN B 398 -2.45 18.44 -24.91
C ASN B 398 -3.82 19.06 -24.72
N ILE B 399 -4.23 19.73 -25.71
CA ILE B 399 -5.60 20.17 -25.84
C ILE B 399 -6.20 19.21 -26.82
N ILE B 400 -6.88 18.25 -26.28
CA ILE B 400 -7.35 17.11 -27.09
C ILE B 400 -8.67 17.43 -27.76
N ARG B 401 -8.75 17.25 -29.04
CA ARG B 401 -10.01 17.29 -29.81
C ARG B 401 -10.35 15.90 -30.45
#